data_7M6D
#
_entry.id   7M6D
#
_cell.length_a   56.023
_cell.length_b   104.324
_cell.length_c   268.784
_cell.angle_alpha   90.000
_cell.angle_beta   90.000
_cell.angle_gamma   90.000
#
_symmetry.space_group_name_H-M   'P 21 21 21'
#
loop_
_entity.id
_entity.type
_entity.pdbx_description
1 polymer 'CR3022 Fab Heavy Chain'
2 polymer 'CR3022 Fab Light Chain'
3 polymer 'Spike protein S1'
4 polymer 'BG4-25 Fab Heavy Chain'
5 polymer 'BG4-25 Fab Light Chain'
6 branched alpha-D-mannopyranose-(1-3)-beta-D-mannopyranose-(1-4)-2-acetamido-2-deoxy-beta-D-glucopyranose-(1-4)-[alpha-L-fucopyranose-(1-6)]2-acetamido-2-deoxy-beta-D-glucopyranose
#
loop_
_entity_poly.entity_id
_entity_poly.type
_entity_poly.pdbx_seq_one_letter_code
_entity_poly.pdbx_strand_id
1 'polypeptide(L)'
;QMQLVQSGTEVKKPGESLKISCKGSGYGFITYWIGWVRQMPGKGLEWMGIIYPGDSETRYSPSFQGQVTISADKSINTAY
LQWSSLKASDTAIYYCAGGSGISTPMDVWGQGTTVTVSSASTKGPSVFPLAPSSKSTSGGTAALGCLVKDYFPEPVTVSW
NSGALTSGVHTFPAVLQSSGLYSLSSVVTVPSSSLGTQTYICNVNHKPSNTKVDKKVEPKSCDKT
;
A
2 'polypeptide(L)'
;DIQLTQSPDSLAVSLGERATINCKSSQSVLYSSINKNYLAWYQQKPGQPPKLLIYWASTRESGVPDRFSGSGSGTDFTLT
ISSLQAEDVAVYYCQQYYSTPYTFGQGTKVEIKRTVAAPSVFIFPPSDEQLKSGTASVVCLLNNFYPREAKVQWKVDNAL
QSGNSQESVTEQDSKDSTYSLSSTLTLSKADYEKHKVYACEVTHQGLSSPVTKSFNRGECS
;
B
3 'polypeptide(L)'
;RFPNITNLCPFGEVFNATRFASVYAWNRKRISNCVADYSVLYNSASFSTFKCYGVSPTKLNDLCFTNVYADSFVIRGDEV
RQIAPGQTGKIADYNYKLPDDFTGCVIAWNSNNLDSKVGGNYNYLYRLFRKSNLKPFERDISTEIYQAGSTPCNGVEGFN
CYFPLQSYGFQPTNGVGYQPYRVVVLSFELLHAPATVCGPKKSTNLHHHHHH
;
C
4 'polypeptide(L)'
;EVQLVESGGGLIQPGGSLRLSCAASGITVVRNYMTWVRQAPGKGLEWVSVIYSGGTTYYADSVKGRFTISRDNSKNTMYL
QMNSLRAEDTAIYYCARDLEVVGAMDVWGQGTTVTVSSASTKGPSVFPLAPSSKSTSGGTAALGCLVKDYFPEPVTVSWN
SGALTSGVHTFPAVLQSSGLYSLSSVVTVPSSSLGTQTYICNVNHKPSNTKVDKRVEPKSCDKT
;
H
5 'polypeptide(L)'
;EIVLTQSPGTLSLSPGERATLSCRASQSVPSSYLAWYQQKPGQAPRLLIYGASSRATGIPDRFSGSGSGTDFTLTISRLE
PEDFAVYYCQQYGSPMYTFGQGTKLEIKRTVAAPSVFIFPPSDEQLKSGTASVVCLLNNFYPREAKVQWKVDNALQSGNS
QESVTEQDSKDSTYSLSSTLTLSKADYEKHKVYACEVTHQGLSSPVTKSFNRGEC
;
L
#
loop_
_chem_comp.id
_chem_comp.type
_chem_comp.name
_chem_comp.formula
BMA D-saccharide, beta linking beta-D-mannopyranose 'C6 H12 O6'
FUC L-saccharide, alpha linking alpha-L-fucopyranose 'C6 H12 O5'
MAN D-saccharide, alpha linking alpha-D-mannopyranose 'C6 H12 O6'
NAG D-saccharide, beta linking 2-acetamido-2-deoxy-beta-D-glucopyranose 'C8 H15 N O6'
#
# COMPACT_ATOMS: atom_id res chain seq x y z
N GLN A 1 -23.46 16.32 18.93
CA GLN A 1 -23.12 16.67 17.55
C GLN A 1 -21.74 17.36 17.48
N MET A 2 -20.93 16.94 16.53
CA MET A 2 -19.57 17.44 16.34
C MET A 2 -19.39 18.11 14.98
N GLN A 3 -18.25 18.80 14.83
CA GLN A 3 -17.99 19.59 13.64
C GLN A 3 -16.55 19.35 13.23
N LEU A 4 -16.24 19.73 11.99
CA LEU A 4 -14.94 19.46 11.43
C LEU A 4 -14.28 20.78 11.07
N VAL A 5 -12.95 20.85 11.19
CA VAL A 5 -12.22 22.08 10.88
C VAL A 5 -10.90 21.72 10.21
N GLN A 6 -10.67 22.26 9.02
CA GLN A 6 -9.48 21.94 8.23
C GLN A 6 -8.44 23.05 8.30
N SER A 7 -7.25 22.78 7.75
CA SER A 7 -6.15 23.74 7.72
C SER A 7 -6.42 24.88 6.71
N GLY A 8 -5.45 25.85 6.69
CA GLY A 8 -5.54 27.06 5.88
C GLY A 8 -5.14 26.91 4.41
N THR A 9 -5.35 28.00 3.66
CA THR A 9 -5.01 28.04 2.24
C THR A 9 -3.52 27.77 2.02
N GLU A 10 -3.22 27.04 0.94
CA GLU A 10 -1.87 26.64 0.55
C GLU A 10 -1.49 27.10 -0.85
N VAL A 11 -0.23 27.56 -1.01
CA VAL A 11 0.31 27.93 -2.31
C VAL A 11 1.72 27.36 -2.47
N LYS A 12 1.86 26.38 -3.37
CA LYS A 12 3.12 25.66 -3.62
C LYS A 12 3.52 25.75 -5.08
N LYS A 13 4.80 25.44 -5.32
CA LYS A 13 5.34 25.36 -6.65
C LYS A 13 5.20 23.92 -7.14
N PRO A 14 5.19 23.68 -8.45
CA PRO A 14 5.07 22.29 -8.93
C PRO A 14 6.28 21.46 -8.54
N GLY A 15 6.02 20.36 -7.84
CA GLY A 15 7.04 19.44 -7.38
C GLY A 15 7.19 19.39 -5.88
N GLU A 16 6.67 20.38 -5.16
CA GLU A 16 6.78 20.38 -3.71
C GLU A 16 5.77 19.43 -3.07
N SER A 17 6.11 18.96 -1.88
CA SER A 17 5.18 18.15 -1.10
C SER A 17 4.18 19.03 -0.37
N LEU A 18 3.11 18.38 0.10
CA LEU A 18 2.03 19.04 0.82
C LEU A 18 1.29 18.00 1.63
N LYS A 19 0.83 18.41 2.83
CA LYS A 19 0.07 17.52 3.72
C LYS A 19 -0.91 18.41 4.45
N ILE A 20 -2.15 18.40 4.00
CA ILE A 20 -3.23 19.18 4.60
C ILE A 20 -3.95 18.33 5.65
N SER A 21 -4.65 18.99 6.57
CA SER A 21 -5.23 18.31 7.72
C SER A 21 -6.72 18.57 7.91
N CYS A 22 -7.34 17.76 8.77
CA CYS A 22 -8.77 17.87 9.06
C CYS A 22 -9.02 17.30 10.46
N LYS A 23 -9.27 18.18 11.44
CA LYS A 23 -9.46 17.81 12.84
C LYS A 23 -10.91 17.97 13.26
N GLY A 24 -11.39 17.01 14.06
CA GLY A 24 -12.76 17.00 14.52
C GLY A 24 -12.88 17.24 16.01
N SER A 25 -13.75 18.18 16.35
CA SER A 25 -14.01 18.55 17.73
C SER A 25 -15.44 18.18 18.09
N GLY A 26 -15.63 17.68 19.29
CA GLY A 26 -16.97 17.29 19.62
C GLY A 26 -17.11 15.86 20.09
N TYR A 27 -18.23 15.58 20.71
CA TYR A 27 -18.48 14.23 21.16
C TYR A 27 -19.18 13.39 20.10
N GLY A 28 -18.92 12.09 20.20
CA GLY A 28 -19.35 11.11 19.23
C GLY A 28 -18.39 10.93 18.08
N PHE A 29 -17.08 11.14 18.31
CA PHE A 29 -16.16 11.09 17.19
C PHE A 29 -15.60 9.71 16.87
N ILE A 30 -15.63 8.78 17.82
CA ILE A 30 -14.99 7.49 17.57
C ILE A 30 -15.61 6.77 16.36
N THR A 31 -16.89 7.07 16.06
CA THR A 31 -17.62 6.36 15.03
C THR A 31 -17.40 6.95 13.64
N TYR A 32 -16.88 8.16 13.55
CA TYR A 32 -16.86 8.89 12.31
C TYR A 32 -15.76 8.39 11.40
N TRP A 33 -16.16 8.02 10.17
CA TRP A 33 -15.24 7.84 9.06
C TRP A 33 -15.12 9.17 8.33
N ILE A 34 -13.90 9.53 7.93
CA ILE A 34 -13.64 10.84 7.36
C ILE A 34 -13.15 10.65 5.94
N GLY A 35 -13.86 11.26 4.99
CA GLY A 35 -13.52 11.18 3.59
C GLY A 35 -13.10 12.52 3.01
N TRP A 36 -12.36 12.45 1.91
CA TRP A 36 -11.83 13.62 1.22
C TRP A 36 -12.48 13.80 -0.15
N VAL A 37 -12.93 15.02 -0.44
CA VAL A 37 -13.56 15.35 -1.72
C VAL A 37 -12.75 16.46 -2.38
N ARG A 38 -12.41 16.28 -3.67
CA ARG A 38 -11.69 17.28 -4.45
C ARG A 38 -12.64 18.00 -5.41
N GLN A 39 -12.51 19.32 -5.49
CA GLN A 39 -13.30 20.13 -6.43
C GLN A 39 -12.42 21.07 -7.23
N MET A 40 -12.22 20.78 -8.51
CA MET A 40 -11.45 21.67 -9.35
C MET A 40 -12.29 22.90 -9.66
N PRO A 41 -11.67 24.01 -10.08
CA PRO A 41 -12.44 25.25 -10.33
C PRO A 41 -13.62 25.16 -11.28
N GLY A 42 -14.81 25.37 -10.73
CA GLY A 42 -16.07 25.35 -11.47
C GLY A 42 -16.58 23.99 -11.87
N LYS A 43 -15.90 22.90 -11.54
CA LYS A 43 -16.27 21.54 -11.92
C LYS A 43 -16.92 20.86 -10.72
N GLY A 44 -17.34 19.61 -10.89
CA GLY A 44 -18.03 18.93 -9.81
C GLY A 44 -17.14 18.30 -8.76
N LEU A 45 -17.81 17.54 -7.87
CA LEU A 45 -17.21 16.87 -6.72
C LEU A 45 -16.73 15.47 -7.03
N GLU A 46 -15.52 15.14 -6.54
CA GLU A 46 -14.92 13.82 -6.75
C GLU A 46 -14.47 13.19 -5.44
N TRP A 47 -15.00 12.02 -5.11
CA TRP A 47 -14.62 11.34 -3.87
C TRP A 47 -13.29 10.60 -4.05
N MET A 48 -12.29 10.99 -3.27
CA MET A 48 -10.93 10.47 -3.35
C MET A 48 -10.71 9.24 -2.50
N GLY A 49 -11.12 9.29 -1.24
CA GLY A 49 -10.89 8.15 -0.36
C GLY A 49 -11.48 8.41 1.01
N ILE A 50 -11.44 7.37 1.82
CA ILE A 50 -11.99 7.46 3.15
C ILE A 50 -11.09 6.71 4.11
N ILE A 51 -11.11 7.15 5.35
CA ILE A 51 -10.35 6.54 6.41
C ILE A 51 -11.17 6.56 7.67
N TYR A 52 -10.81 5.65 8.55
CA TYR A 52 -11.33 5.53 9.87
C TYR A 52 -10.17 5.83 10.78
N PRO A 53 -10.32 6.78 11.70
CA PRO A 53 -9.17 7.18 12.50
C PRO A 53 -8.74 6.09 13.48
N GLY A 54 -9.68 5.28 13.99
CA GLY A 54 -9.34 4.35 15.06
C GLY A 54 -8.29 3.32 14.65
N ASP A 55 -8.37 2.79 13.43
CA ASP A 55 -7.37 1.80 13.03
C ASP A 55 -6.79 2.06 11.66
N SER A 56 -7.07 3.22 11.06
CA SER A 56 -6.51 3.63 9.76
C SER A 56 -6.84 2.63 8.66
N GLU A 57 -8.08 2.14 8.66
CA GLU A 57 -8.50 1.37 7.51
C GLU A 57 -8.78 2.39 6.45
N THR A 58 -8.06 2.32 5.36
CA THR A 58 -8.13 3.38 4.38
C THR A 58 -8.48 2.82 3.00
N ARG A 59 -9.53 3.36 2.39
CA ARG A 59 -10.00 2.93 1.08
C ARG A 59 -9.99 4.13 0.14
N TYR A 60 -9.30 3.96 -0.98
CA TYR A 60 -9.12 4.99 -1.98
C TYR A 60 -10.12 4.74 -3.10
N SER A 61 -10.41 5.76 -3.83
CA SER A 61 -11.11 5.64 -5.10
C SER A 61 -10.10 5.19 -6.16
N PRO A 62 -10.55 4.46 -7.18
CA PRO A 62 -9.62 4.01 -8.24
C PRO A 62 -8.86 5.14 -8.92
N SER A 63 -9.39 6.36 -8.96
CA SER A 63 -8.70 7.45 -9.64
C SER A 63 -7.52 8.01 -8.85
N PHE A 64 -7.50 7.84 -7.52
CA PHE A 64 -6.47 8.43 -6.70
C PHE A 64 -5.58 7.42 -5.98
N GLN A 65 -5.71 6.13 -6.26
CA GLN A 65 -4.81 5.18 -5.61
C GLN A 65 -3.38 5.46 -6.06
N GLY A 66 -2.46 5.56 -5.08
CA GLY A 66 -1.07 5.85 -5.36
C GLY A 66 -0.74 7.27 -5.78
N GLN A 67 -1.73 8.14 -5.95
CA GLN A 67 -1.46 9.53 -6.29
C GLN A 67 -1.35 10.39 -5.03
N VAL A 68 -2.18 10.08 -4.03
CA VAL A 68 -2.18 10.70 -2.72
C VAL A 68 -2.00 9.65 -1.61
N THR A 69 -1.99 10.09 -0.36
CA THR A 69 -1.92 9.18 0.78
C THR A 69 -2.79 9.75 1.89
N ILE A 70 -3.81 9.00 2.32
CA ILE A 70 -4.68 9.44 3.39
C ILE A 70 -4.23 8.71 4.63
N SER A 71 -4.01 9.46 5.70
CA SER A 71 -3.53 8.90 6.94
C SER A 71 -4.36 9.48 8.08
N ALA A 72 -4.09 9.03 9.30
CA ALA A 72 -4.89 9.46 10.43
C ALA A 72 -4.04 9.48 11.69
N ASP A 73 -4.59 10.13 12.71
CA ASP A 73 -4.01 10.24 14.06
C ASP A 73 -5.18 10.28 15.03
N LYS A 74 -5.49 9.12 15.62
CA LYS A 74 -6.69 9.02 16.46
C LYS A 74 -6.49 9.72 17.78
N SER A 75 -5.24 9.97 18.18
CA SER A 75 -4.98 10.64 19.45
C SER A 75 -5.40 12.10 19.45
N ILE A 76 -5.49 12.73 18.28
CA ILE A 76 -5.85 14.15 18.11
C ILE A 76 -7.05 14.32 17.21
N ASN A 77 -7.71 13.22 16.81
CA ASN A 77 -8.94 13.32 16.00
C ASN A 77 -8.71 14.02 14.65
N THR A 78 -7.63 13.64 13.97
CA THR A 78 -7.19 14.32 12.74
C THR A 78 -6.94 13.35 11.58
N ALA A 79 -7.59 13.59 10.45
CA ALA A 79 -7.29 12.88 9.21
C ALA A 79 -6.39 13.78 8.34
N TYR A 80 -5.56 13.15 7.50
CA TYR A 80 -4.56 13.86 6.70
C TYR A 80 -4.61 13.38 5.25
N LEU A 81 -4.32 14.30 4.34
CA LEU A 81 -4.21 14.00 2.91
C LEU A 81 -2.97 14.70 2.38
N GLN A 82 -2.06 13.95 1.77
CA GLN A 82 -0.74 14.45 1.37
C GLN A 82 -0.43 13.97 -0.04
N TRP A 83 0.33 14.79 -0.75
CA TRP A 83 0.89 14.49 -2.06
C TRP A 83 2.40 14.37 -1.99
N SER A 84 2.94 13.50 -2.82
CA SER A 84 4.40 13.40 -2.89
C SER A 84 4.98 14.47 -3.81
N SER A 85 4.37 14.67 -4.97
CA SER A 85 4.78 15.68 -5.94
C SER A 85 3.54 16.39 -6.48
N LEU A 86 3.41 17.66 -6.12
CA LEU A 86 2.22 18.39 -6.52
C LEU A 86 2.34 18.69 -8.01
N LYS A 87 1.25 18.55 -8.71
CA LYS A 87 1.18 18.88 -10.11
C LYS A 87 0.38 20.17 -10.23
N ALA A 88 0.60 20.89 -11.33
CA ALA A 88 -0.14 22.14 -11.56
C ALA A 88 -1.63 21.85 -11.64
N SER A 89 -2.00 20.64 -12.07
CA SER A 89 -3.37 20.17 -12.19
C SER A 89 -4.00 19.84 -10.85
N ASP A 90 -3.25 19.91 -9.75
CA ASP A 90 -3.81 19.66 -8.42
C ASP A 90 -4.49 20.90 -7.84
N THR A 91 -4.46 22.03 -8.54
CA THR A 91 -5.11 23.26 -8.08
C THR A 91 -6.60 23.05 -7.96
N ALA A 92 -7.11 23.05 -6.74
CA ALA A 92 -8.53 22.82 -6.48
C ALA A 92 -8.83 23.24 -5.04
N ILE A 93 -10.04 22.93 -4.58
CA ILE A 93 -10.42 23.09 -3.19
C ILE A 93 -10.77 21.70 -2.65
N TYR A 94 -10.23 21.36 -1.49
CA TYR A 94 -10.36 20.02 -0.92
C TYR A 94 -11.16 20.06 0.37
N TYR A 95 -12.33 19.43 0.37
CA TYR A 95 -13.14 19.27 1.58
C TYR A 95 -12.85 17.96 2.30
N CYS A 96 -13.03 17.95 3.61
CA CYS A 96 -13.08 16.69 4.35
C CYS A 96 -14.51 16.54 4.82
N ALA A 97 -15.10 15.40 4.55
CA ALA A 97 -16.46 15.13 4.94
C ALA A 97 -16.43 13.95 5.90
N GLY A 98 -17.44 13.88 6.74
CA GLY A 98 -17.52 12.89 7.78
C GLY A 98 -18.86 12.19 7.71
N GLY A 99 -18.83 10.88 7.63
CA GLY A 99 -20.02 10.06 7.73
C GLY A 99 -19.84 9.20 8.96
N SER A 100 -20.91 9.07 9.77
CA SER A 100 -20.83 8.31 11.01
C SER A 100 -20.75 6.80 10.82
N GLY A 101 -20.74 6.29 9.60
CA GLY A 101 -20.58 4.87 9.31
C GLY A 101 -19.93 4.71 7.95
N ILE A 102 -19.62 3.48 7.61
CA ILE A 102 -18.95 3.26 6.33
C ILE A 102 -19.95 3.40 5.17
N SER A 103 -21.12 2.79 5.22
CA SER A 103 -22.11 3.05 4.18
C SER A 103 -23.13 4.11 4.62
N THR A 104 -22.65 5.32 4.81
CA THR A 104 -23.39 6.43 5.44
C THR A 104 -23.13 7.76 4.76
N PRO A 105 -24.17 8.60 4.62
CA PRO A 105 -23.97 9.91 4.01
C PRO A 105 -23.05 10.77 4.86
N MET A 106 -22.40 11.71 4.20
CA MET A 106 -21.50 12.63 4.88
C MET A 106 -22.35 13.75 5.50
N ASP A 107 -22.66 13.64 6.79
CA ASP A 107 -23.50 14.67 7.43
C ASP A 107 -22.67 15.91 7.71
N VAL A 108 -21.48 15.72 8.28
CA VAL A 108 -20.68 16.85 8.73
C VAL A 108 -19.59 17.04 7.71
N TRP A 109 -19.35 18.31 7.35
CA TRP A 109 -18.37 18.74 6.37
C TRP A 109 -17.37 19.74 6.96
N GLY A 110 -16.18 19.76 6.38
CA GLY A 110 -15.23 20.79 6.75
C GLY A 110 -15.53 22.05 5.99
N GLN A 111 -14.72 23.08 6.24
CA GLN A 111 -14.91 24.37 5.56
C GLN A 111 -14.24 24.46 4.20
N GLY A 112 -13.25 23.63 3.93
CA GLY A 112 -12.55 23.58 2.65
C GLY A 112 -11.15 24.18 2.75
N THR A 113 -10.21 23.56 2.02
CA THR A 113 -8.84 24.01 1.89
C THR A 113 -8.53 24.32 0.43
N THR A 114 -8.34 25.58 0.09
CA THR A 114 -8.03 25.94 -1.30
C THR A 114 -6.53 25.81 -1.54
N VAL A 115 -6.14 24.95 -2.47
CA VAL A 115 -4.75 24.72 -2.82
C VAL A 115 -4.51 25.22 -4.23
N THR A 116 -3.50 26.07 -4.39
CA THR A 116 -3.10 26.63 -5.67
C THR A 116 -1.66 26.20 -5.92
N VAL A 117 -1.44 25.48 -7.03
CA VAL A 117 -0.13 25.00 -7.44
C VAL A 117 0.21 25.70 -8.74
N SER A 118 1.31 26.46 -8.71
CA SER A 118 1.73 27.24 -9.87
C SER A 118 3.21 27.58 -9.71
N SER A 119 3.90 27.64 -10.85
CA SER A 119 5.30 28.06 -10.89
C SER A 119 5.44 29.56 -10.67
N ALA A 120 4.32 30.28 -10.61
CA ALA A 120 4.36 31.72 -10.42
C ALA A 120 4.84 32.08 -9.02
N SER A 121 5.42 33.27 -8.91
CA SER A 121 5.86 33.79 -7.63
C SER A 121 4.89 34.89 -7.21
N THR A 122 4.90 35.21 -5.91
CA THR A 122 3.95 36.18 -5.36
C THR A 122 4.12 37.54 -5.99
N LYS A 123 3.02 38.08 -6.50
CA LYS A 123 3.03 39.41 -7.09
C LYS A 123 1.76 40.18 -6.78
N GLY A 124 1.95 41.43 -6.37
CA GLY A 124 0.90 42.37 -6.09
C GLY A 124 0.25 42.87 -7.36
N PRO A 125 -1.01 43.31 -7.29
CA PRO A 125 -1.71 43.70 -8.51
C PRO A 125 -1.27 45.08 -8.97
N SER A 126 -1.60 45.39 -10.23
CA SER A 126 -1.45 46.73 -10.78
C SER A 126 -2.85 47.19 -11.18
N VAL A 127 -3.30 48.32 -10.64
CA VAL A 127 -4.66 48.83 -10.84
C VAL A 127 -4.68 49.96 -11.86
N PHE A 128 -5.54 49.84 -12.86
CA PHE A 128 -5.73 50.78 -13.94
C PHE A 128 -7.21 51.15 -13.96
N PRO A 129 -7.57 52.41 -14.22
CA PRO A 129 -8.99 52.81 -14.09
C PRO A 129 -9.81 52.46 -15.32
N LEU A 130 -11.12 52.68 -15.18
CA LEU A 130 -12.09 52.65 -16.29
C LEU A 130 -12.98 53.89 -16.23
N ALA A 131 -12.53 54.95 -16.91
CA ALA A 131 -13.13 56.27 -16.85
C ALA A 131 -14.47 56.27 -17.61
N PRO A 132 -15.45 57.03 -17.15
CA PRO A 132 -16.74 57.04 -17.86
C PRO A 132 -16.59 57.74 -19.19
N SER A 133 -17.39 57.25 -20.13
CA SER A 133 -17.40 57.68 -21.52
C SER A 133 -17.91 59.10 -21.71
N SER A 134 -17.29 59.80 -22.66
CA SER A 134 -17.73 61.14 -23.01
C SER A 134 -19.08 61.03 -23.67
N LYS A 135 -19.25 60.05 -24.54
CA LYS A 135 -20.58 59.83 -25.10
C LYS A 135 -21.27 59.04 -24.00
N SER A 136 -22.00 59.77 -23.15
CA SER A 136 -22.78 59.21 -22.06
C SER A 136 -24.07 60.01 -22.02
N THR A 137 -25.17 59.31 -21.77
CA THR A 137 -26.48 59.96 -21.63
C THR A 137 -26.48 60.84 -20.40
N SER A 138 -26.45 62.17 -20.60
CA SER A 138 -26.34 63.07 -19.45
C SER A 138 -27.60 63.02 -18.61
N GLY A 139 -28.76 62.69 -19.21
CA GLY A 139 -29.98 62.50 -18.45
C GLY A 139 -30.16 61.11 -17.85
N GLY A 140 -29.51 60.09 -18.42
CA GLY A 140 -29.59 58.72 -17.93
C GLY A 140 -28.48 58.35 -16.97
N THR A 141 -28.04 57.09 -17.03
CA THR A 141 -27.02 56.60 -16.11
C THR A 141 -25.78 56.16 -16.91
N ALA A 142 -24.63 56.23 -16.27
CA ALA A 142 -23.33 55.82 -16.79
C ALA A 142 -22.69 54.72 -15.94
N ALA A 143 -21.63 54.11 -16.48
CA ALA A 143 -20.95 53.01 -15.80
C ALA A 143 -19.45 53.28 -15.82
N LEU A 144 -18.76 52.95 -14.71
CA LEU A 144 -17.32 53.06 -14.56
C LEU A 144 -16.80 51.93 -13.67
N GLY A 145 -15.48 51.85 -13.49
CA GLY A 145 -14.94 50.79 -12.65
C GLY A 145 -13.42 50.77 -12.62
N CYS A 146 -12.87 49.70 -12.05
CA CYS A 146 -11.43 49.50 -11.88
C CYS A 146 -11.01 48.18 -12.50
N LEU A 147 -9.76 48.13 -12.96
CA LEU A 147 -9.16 46.96 -13.58
C LEU A 147 -7.94 46.52 -12.76
N VAL A 148 -8.03 45.38 -12.10
CA VAL A 148 -6.95 44.85 -11.26
C VAL A 148 -6.25 43.84 -12.18
N LYS A 149 -5.11 44.26 -12.76
CA LYS A 149 -4.46 43.56 -13.86
C LYS A 149 -3.63 42.28 -13.62
N ASP A 150 -2.38 42.34 -13.12
CA ASP A 150 -1.65 41.11 -12.76
C ASP A 150 -1.33 40.94 -11.27
N TYR A 151 -1.98 39.96 -10.64
CA TYR A 151 -1.70 39.55 -9.25
C TYR A 151 -1.62 38.03 -9.09
N PHE A 152 -0.95 37.61 -8.00
CA PHE A 152 -0.82 36.19 -7.58
C PHE A 152 -0.37 36.16 -6.13
N PRO A 153 -0.95 35.28 -5.28
CA PRO A 153 -2.07 34.45 -5.73
C PRO A 153 -3.40 35.14 -5.43
N GLU A 154 -4.48 34.39 -5.52
CA GLU A 154 -5.82 34.83 -5.12
C GLU A 154 -5.98 34.89 -3.61
N PRO A 155 -6.95 35.67 -3.12
CA PRO A 155 -7.90 36.55 -3.78
C PRO A 155 -7.59 38.01 -3.56
N VAL A 156 -8.39 38.91 -4.15
CA VAL A 156 -8.33 40.33 -3.82
C VAL A 156 -9.73 40.76 -3.42
N THR A 157 -9.81 41.67 -2.46
CA THR A 157 -11.09 42.20 -2.02
C THR A 157 -11.17 43.61 -2.56
N VAL A 158 -12.31 43.94 -3.17
CA VAL A 158 -12.50 45.23 -3.81
C VAL A 158 -13.78 45.84 -3.25
N SER A 159 -13.65 46.98 -2.59
CA SER A 159 -14.78 47.77 -2.10
C SER A 159 -14.74 49.12 -2.77
N TRP A 160 -15.79 49.92 -2.59
CA TRP A 160 -15.88 51.23 -3.22
C TRP A 160 -16.15 52.25 -2.12
N ASN A 161 -15.32 53.29 -2.08
CA ASN A 161 -15.41 54.36 -1.09
C ASN A 161 -15.35 53.83 0.35
N SER A 162 -14.40 52.92 0.60
CA SER A 162 -14.15 52.32 1.91
C SER A 162 -15.39 51.67 2.53
N GLY A 163 -16.23 51.07 1.70
CA GLY A 163 -17.43 50.39 2.14
C GLY A 163 -18.66 51.28 2.20
N ALA A 164 -18.50 52.58 1.93
CA ALA A 164 -19.58 53.55 1.96
C ALA A 164 -20.53 53.42 0.78
N LEU A 165 -20.26 52.50 -0.14
CA LEU A 165 -21.08 52.32 -1.33
C LEU A 165 -21.04 50.86 -1.73
N THR A 166 -22.19 50.20 -1.71
CA THR A 166 -22.32 48.79 -2.08
C THR A 166 -23.37 48.58 -3.16
N SER A 167 -24.43 49.37 -3.16
CA SER A 167 -25.50 49.16 -4.12
C SER A 167 -25.02 49.47 -5.53
N GLY A 168 -25.44 48.63 -6.47
CA GLY A 168 -25.08 48.78 -7.87
C GLY A 168 -23.66 48.42 -8.22
N VAL A 169 -22.95 47.70 -7.34
CA VAL A 169 -21.56 47.30 -7.56
C VAL A 169 -21.51 45.87 -8.10
N HIS A 170 -20.70 45.61 -9.12
CA HIS A 170 -20.50 44.26 -9.63
C HIS A 170 -19.01 43.99 -9.74
N THR A 171 -18.46 43.18 -8.84
CA THR A 171 -17.09 42.70 -8.88
C THR A 171 -17.02 41.32 -9.52
N PHE A 172 -16.34 41.21 -10.66
CA PHE A 172 -16.41 39.99 -11.47
C PHE A 172 -15.42 38.93 -10.97
N PRO A 173 -15.69 37.66 -11.25
CA PRO A 173 -14.72 36.60 -10.95
C PRO A 173 -13.46 36.71 -11.79
N ALA A 174 -12.32 36.42 -11.17
CA ALA A 174 -11.03 36.50 -11.84
C ALA A 174 -10.84 35.43 -12.91
N VAL A 175 -9.97 35.73 -13.89
CA VAL A 175 -9.51 34.78 -14.91
C VAL A 175 -8.01 34.56 -14.72
N LEU A 176 -7.54 33.35 -15.06
CA LEU A 176 -6.12 33.00 -14.96
C LEU A 176 -5.49 33.15 -16.34
N GLN A 177 -4.74 34.23 -16.55
CA GLN A 177 -4.10 34.49 -17.83
C GLN A 177 -3.00 33.46 -18.14
N SER A 178 -2.59 33.42 -19.41
CA SER A 178 -1.58 32.47 -19.84
C SER A 178 -0.25 32.68 -19.13
N SER A 179 0.04 33.90 -18.67
CA SER A 179 1.28 34.19 -17.99
C SER A 179 1.35 33.66 -16.56
N GLY A 180 0.33 32.94 -16.10
CA GLY A 180 0.22 32.44 -14.74
C GLY A 180 -0.26 33.42 -13.70
N LEU A 181 -0.47 34.69 -14.05
CA LEU A 181 -0.98 35.73 -13.17
C LEU A 181 -2.49 35.91 -13.39
N TYR A 182 -3.20 36.37 -12.36
CA TYR A 182 -4.66 36.55 -12.35
C TYR A 182 -5.07 37.95 -12.81
N SER A 183 -6.30 38.06 -13.35
CA SER A 183 -6.88 39.33 -13.81
C SER A 183 -8.35 39.42 -13.41
N LEU A 184 -8.76 40.60 -12.90
CA LEU A 184 -10.09 40.84 -12.37
C LEU A 184 -10.57 42.23 -12.75
N SER A 185 -11.89 42.39 -12.84
CA SER A 185 -12.48 43.68 -13.17
C SER A 185 -13.65 43.95 -12.22
N SER A 186 -13.71 45.18 -11.69
CA SER A 186 -14.78 45.64 -10.82
C SER A 186 -15.46 46.86 -11.43
N VAL A 187 -16.80 46.87 -11.42
CA VAL A 187 -17.59 47.94 -12.02
C VAL A 187 -18.67 48.46 -11.07
N VAL A 188 -19.19 49.64 -11.37
CA VAL A 188 -20.28 50.29 -10.66
C VAL A 188 -21.00 51.17 -11.67
N THR A 189 -22.33 51.20 -11.63
CA THR A 189 -23.14 52.07 -12.48
C THR A 189 -23.63 53.25 -11.66
N VAL A 190 -23.39 54.46 -12.15
CA VAL A 190 -23.82 55.63 -11.38
C VAL A 190 -24.56 56.68 -12.20
N PRO A 191 -25.43 57.50 -11.58
CA PRO A 191 -26.07 58.62 -12.30
C PRO A 191 -25.07 59.64 -12.85
N SER A 192 -25.27 60.03 -14.12
CA SER A 192 -24.37 60.93 -14.81
C SER A 192 -24.27 62.32 -14.18
N SER A 193 -25.32 62.76 -13.46
CA SER A 193 -25.26 64.07 -12.79
C SER A 193 -24.17 64.14 -11.71
N SER A 194 -23.82 63.00 -11.12
CA SER A 194 -22.81 62.91 -10.07
C SER A 194 -21.39 62.77 -10.62
N LEU A 195 -21.21 62.87 -11.94
CA LEU A 195 -19.88 62.71 -12.52
C LEU A 195 -18.93 63.84 -12.11
N GLY A 196 -19.44 65.06 -11.98
CA GLY A 196 -18.58 66.14 -11.58
C GLY A 196 -18.63 66.55 -10.12
N THR A 197 -19.50 65.94 -9.31
CA THR A 197 -19.60 66.33 -7.92
C THR A 197 -19.11 65.28 -6.93
N GLN A 198 -19.06 64.01 -7.29
CA GLN A 198 -18.67 62.96 -6.36
C GLN A 198 -17.44 62.24 -6.89
N THR A 199 -16.46 62.05 -6.01
CA THR A 199 -15.23 61.31 -6.30
C THR A 199 -15.43 59.82 -6.03
N TYR A 200 -15.05 58.99 -6.99
CA TYR A 200 -15.22 57.54 -6.93
C TYR A 200 -13.85 56.91 -6.77
N ILE A 201 -13.72 56.08 -5.75
CA ILE A 201 -12.48 55.40 -5.41
C ILE A 201 -12.78 53.94 -5.15
N CYS A 202 -11.98 53.06 -5.76
CA CYS A 202 -12.05 51.64 -5.49
C CYS A 202 -10.90 51.28 -4.55
N ASN A 203 -11.18 50.40 -3.61
CA ASN A 203 -10.21 49.98 -2.60
C ASN A 203 -9.90 48.52 -2.88
N VAL A 204 -8.63 48.24 -3.16
CA VAL A 204 -8.16 46.92 -3.52
C VAL A 204 -7.25 46.43 -2.41
N ASN A 205 -7.55 45.27 -1.84
CA ASN A 205 -6.74 44.70 -0.77
C ASN A 205 -6.28 43.32 -1.22
N HIS A 206 -4.96 43.13 -1.26
CA HIS A 206 -4.31 41.87 -1.61
C HIS A 206 -3.45 41.49 -0.43
N LYS A 207 -4.01 40.77 0.54
CA LYS A 207 -3.23 40.44 1.73
C LYS A 207 -1.95 39.64 1.47
N PRO A 208 -1.90 38.64 0.57
CA PRO A 208 -0.63 37.91 0.35
C PRO A 208 0.59 38.77 0.03
N SER A 209 0.46 39.79 -0.81
CA SER A 209 1.60 40.67 -1.09
C SER A 209 1.65 41.89 -0.17
N ASN A 210 0.72 42.02 0.76
CA ASN A 210 0.64 43.15 1.69
C ASN A 210 0.57 44.45 0.89
N THR A 211 -0.39 44.50 -0.03
CA THR A 211 -0.53 45.63 -0.97
C THR A 211 -1.94 46.20 -0.91
N LYS A 212 -2.06 47.46 -0.52
CA LYS A 212 -3.33 48.19 -0.52
C LYS A 212 -3.16 49.34 -1.52
N VAL A 213 -4.10 49.47 -2.46
CA VAL A 213 -4.00 50.46 -3.53
C VAL A 213 -5.37 51.12 -3.71
N ASP A 214 -5.38 52.45 -3.71
CA ASP A 214 -6.56 53.26 -4.03
C ASP A 214 -6.32 53.99 -5.34
N LYS A 215 -7.23 53.86 -6.31
CA LYS A 215 -7.06 54.45 -7.63
C LYS A 215 -8.24 55.38 -7.87
N LYS A 216 -7.94 56.65 -8.22
CA LYS A 216 -8.95 57.68 -8.50
C LYS A 216 -9.46 57.62 -9.94
N VAL A 217 -10.77 57.42 -10.08
CA VAL A 217 -11.47 57.35 -11.36
C VAL A 217 -12.26 58.63 -11.62
N GLU A 218 -11.99 59.29 -12.73
CA GLU A 218 -12.65 60.54 -13.12
C GLU A 218 -12.81 60.47 -14.62
N PRO A 219 -13.80 61.17 -15.20
CA PRO A 219 -13.92 61.16 -16.66
C PRO A 219 -12.62 61.70 -17.23
N LYS A 220 -12.17 61.13 -18.35
CA LYS A 220 -10.92 61.58 -19.01
C LYS A 220 -11.07 63.05 -19.43
N SER A 221 -10.30 63.94 -18.92
CA SER A 221 -10.33 65.42 -19.09
C SER A 221 -10.25 65.80 -20.58
N CYS A 222 -9.38 65.13 -21.35
CA CYS A 222 -9.28 65.37 -22.82
C CYS A 222 -8.80 66.80 -23.10
N ASP B 1 -17.11 2.73 -8.79
CA ASP B 1 -17.41 1.91 -9.96
C ASP B 1 -18.91 1.77 -10.17
N ILE B 2 -19.66 2.73 -9.66
CA ILE B 2 -21.11 2.82 -9.82
C ILE B 2 -21.41 4.14 -10.49
N GLN B 3 -21.50 4.13 -11.82
CA GLN B 3 -21.77 5.36 -12.57
C GLN B 3 -23.08 6.00 -12.11
N LEU B 4 -23.13 7.33 -12.19
CA LEU B 4 -24.30 8.03 -11.70
C LEU B 4 -24.49 9.28 -12.57
N THR B 5 -25.73 9.52 -13.02
CA THR B 5 -26.13 10.61 -13.93
C THR B 5 -27.33 11.47 -13.52
N GLN B 6 -27.16 12.80 -13.51
CA GLN B 6 -28.22 13.73 -13.13
C GLN B 6 -28.88 14.30 -14.40
N SER B 7 -30.08 14.90 -14.24
CA SER B 7 -30.76 15.51 -15.39
C SER B 7 -31.82 16.56 -15.04
N PRO B 8 -31.80 17.72 -15.70
CA PRO B 8 -30.84 18.16 -16.71
C PRO B 8 -29.66 18.90 -16.06
N ASP B 9 -28.84 19.62 -16.83
CA ASP B 9 -27.63 20.21 -16.26
C ASP B 9 -27.84 21.65 -15.79
N SER B 10 -28.40 22.48 -16.64
CA SER B 10 -29.11 23.66 -16.16
C SER B 10 -30.57 23.25 -15.93
N LEU B 11 -31.30 24.08 -15.20
CA LEU B 11 -32.72 23.87 -15.01
C LEU B 11 -33.28 25.15 -14.40
N ALA B 12 -33.42 26.17 -15.24
CA ALA B 12 -33.88 27.49 -14.82
C ALA B 12 -35.40 27.46 -14.65
N VAL B 13 -35.85 27.62 -13.41
CA VAL B 13 -37.28 27.52 -13.08
C VAL B 13 -37.67 28.69 -12.19
N SER B 14 -38.91 29.14 -12.34
CA SER B 14 -39.32 30.43 -11.82
C SER B 14 -39.54 30.37 -10.32
N LEU B 15 -39.82 31.54 -9.74
CA LEU B 15 -40.02 31.63 -8.31
C LEU B 15 -41.37 31.00 -7.94
N GLY B 16 -41.32 30.04 -7.01
CA GLY B 16 -42.47 29.37 -6.45
C GLY B 16 -42.89 28.09 -7.15
N GLU B 17 -42.38 27.84 -8.36
CA GLU B 17 -42.72 26.66 -9.15
C GLU B 17 -41.90 25.43 -8.75
N ARG B 18 -42.19 24.32 -9.44
CA ARG B 18 -41.63 23.02 -9.12
C ARG B 18 -40.37 22.79 -9.95
N ALA B 19 -39.38 22.19 -9.30
CA ALA B 19 -38.10 21.85 -9.91
C ALA B 19 -37.93 20.35 -9.79
N THR B 20 -37.62 19.70 -10.89
CA THR B 20 -37.52 18.25 -10.94
C THR B 20 -36.12 17.86 -11.42
N ILE B 21 -35.28 17.45 -10.48
CA ILE B 21 -33.88 17.10 -10.74
C ILE B 21 -33.78 15.58 -10.74
N ASN B 22 -33.63 14.98 -11.91
CA ASN B 22 -33.51 13.54 -11.97
C ASN B 22 -32.13 13.09 -11.48
N CYS B 23 -31.92 11.78 -11.57
CA CYS B 23 -30.68 11.13 -11.18
C CYS B 23 -30.82 9.66 -11.56
N LYS B 24 -29.96 9.16 -12.44
CA LYS B 24 -30.00 7.78 -12.91
C LYS B 24 -28.80 7.02 -12.35
N SER B 25 -29.03 5.79 -11.92
CA SER B 25 -27.95 4.99 -11.38
C SER B 25 -27.54 3.92 -12.40
N SER B 26 -26.87 2.88 -11.92
CA SER B 26 -26.37 1.83 -12.80
C SER B 26 -26.42 0.47 -12.11
N GLN B 27 -27.01 0.36 -10.91
CA GLN B 27 -27.06 -0.85 -10.13
C GLN B 27 -28.15 -0.72 -9.08
N SER B 28 -28.90 -1.80 -8.84
CA SER B 28 -29.93 -1.72 -7.82
C SER B 28 -29.17 -1.45 -6.54
N VAL B 29 -29.57 -0.40 -5.83
CA VAL B 29 -28.92 -0.06 -4.58
C VAL B 29 -29.92 -0.21 -3.43
N LEU B 30 -30.53 -1.38 -3.32
CA LEU B 30 -31.45 -1.68 -2.24
C LEU B 30 -30.77 -2.71 -1.34
N TYR B 31 -30.37 -2.29 -0.16
CA TYR B 31 -29.98 -3.24 0.87
C TYR B 31 -31.20 -4.05 1.28
N SER B 32 -31.26 -5.33 0.87
CA SER B 32 -32.47 -6.11 1.12
C SER B 32 -32.75 -6.27 2.61
N SER B 33 -31.74 -6.12 3.49
CA SER B 33 -31.99 -6.40 4.89
C SER B 33 -32.88 -5.30 5.49
N ILE B 34 -32.61 -4.05 5.13
CA ILE B 34 -33.42 -2.91 5.57
C ILE B 34 -34.30 -2.37 4.44
N ASN B 35 -34.18 -2.93 3.22
CA ASN B 35 -35.02 -2.54 2.07
C ASN B 35 -35.13 -1.03 1.92
N LYS B 36 -34.05 -0.34 2.27
CA LYS B 36 -33.82 1.07 2.00
C LYS B 36 -32.70 1.16 0.96
N ASN B 37 -32.69 2.27 0.21
CA ASN B 37 -31.71 2.46 -0.85
C ASN B 37 -30.83 3.68 -0.59
N TYR B 38 -29.55 3.55 -0.94
CA TYR B 38 -28.44 4.33 -0.34
C TYR B 38 -27.95 5.46 -1.25
N LEU B 39 -28.81 6.49 -1.39
CA LEU B 39 -28.61 7.68 -2.20
C LEU B 39 -28.82 8.96 -1.39
N ALA B 40 -28.01 9.99 -1.65
CA ALA B 40 -28.08 11.22 -0.86
C ALA B 40 -28.10 12.40 -1.81
N TRP B 41 -28.74 13.48 -1.37
CA TRP B 41 -28.85 14.69 -2.16
C TRP B 41 -28.22 15.84 -1.43
N TYR B 42 -27.28 16.51 -2.08
CA TYR B 42 -26.57 17.61 -1.48
C TYR B 42 -26.85 18.91 -2.23
N GLN B 43 -26.74 20.00 -1.48
CA GLN B 43 -26.86 21.38 -1.97
C GLN B 43 -25.59 22.15 -1.63
N GLN B 44 -25.05 22.90 -2.60
CA GLN B 44 -23.85 23.71 -2.37
C GLN B 44 -24.03 25.08 -2.99
N LYS B 45 -23.98 26.09 -2.20
CA LYS B 45 -24.06 27.36 -2.87
C LYS B 45 -22.64 27.81 -3.18
N PRO B 46 -22.44 28.72 -4.14
CA PRO B 46 -21.07 29.10 -4.51
C PRO B 46 -20.27 29.62 -3.32
N GLY B 47 -19.07 29.06 -3.17
CA GLY B 47 -18.15 29.34 -2.09
C GLY B 47 -18.44 28.63 -0.79
N GLN B 48 -19.62 28.04 -0.62
CA GLN B 48 -19.99 27.34 0.59
C GLN B 48 -19.53 25.87 0.54
N PRO B 49 -19.50 25.19 1.68
CA PRO B 49 -19.34 23.74 1.65
C PRO B 49 -20.66 23.09 1.28
N PRO B 50 -20.64 21.88 0.71
CA PRO B 50 -21.89 21.16 0.47
C PRO B 50 -22.57 20.83 1.79
N LYS B 51 -23.85 21.13 1.86
CA LYS B 51 -24.67 20.77 3.01
C LYS B 51 -25.50 19.56 2.61
N LEU B 52 -25.51 18.53 3.45
CA LEU B 52 -26.36 17.37 3.19
C LEU B 52 -27.82 17.74 3.43
N LEU B 53 -28.66 17.52 2.42
CA LEU B 53 -30.09 17.78 2.51
C LEU B 53 -30.90 16.51 2.70
N ILE B 54 -30.69 15.49 1.87
CA ILE B 54 -31.56 14.28 1.96
C ILE B 54 -30.72 13.01 2.16
N TYR B 55 -30.95 12.27 3.26
CA TYR B 55 -30.21 11.01 3.53
C TYR B 55 -31.14 9.84 3.23
N TRP B 56 -30.69 8.87 2.45
CA TRP B 56 -31.56 7.76 1.98
C TRP B 56 -32.44 8.38 0.90
N ALA B 57 -33.32 7.63 0.27
CA ALA B 57 -34.04 8.28 -0.85
C ALA B 57 -34.95 9.41 -0.35
N SER B 58 -35.66 9.22 0.76
CA SER B 58 -36.68 10.23 1.16
C SER B 58 -36.42 10.88 2.51
N THR B 59 -35.59 10.28 3.36
CA THR B 59 -35.45 10.85 4.72
C THR B 59 -34.82 12.24 4.62
N ARG B 60 -35.29 13.18 5.43
CA ARG B 60 -34.80 14.57 5.30
C ARG B 60 -34.02 15.00 6.54
N GLU B 61 -32.85 15.61 6.33
CA GLU B 61 -32.03 16.14 7.41
C GLU B 61 -32.79 17.21 8.20
N SER B 62 -32.43 17.36 9.48
CA SER B 62 -33.11 18.34 10.32
C SER B 62 -32.67 19.76 9.97
N GLY B 63 -33.58 20.72 10.19
CA GLY B 63 -33.31 22.10 9.88
C GLY B 63 -33.45 22.46 8.42
N VAL B 64 -34.09 21.62 7.61
CA VAL B 64 -34.24 21.92 6.17
C VAL B 64 -35.73 22.11 5.92
N PRO B 65 -36.13 22.82 4.87
CA PRO B 65 -37.54 23.17 4.74
C PRO B 65 -38.36 22.09 4.06
N ASP B 66 -39.66 22.14 4.32
CA ASP B 66 -40.61 21.11 3.95
C ASP B 66 -40.85 21.00 2.45
N ARG B 67 -40.23 21.86 1.66
CA ARG B 67 -40.41 21.89 0.20
C ARG B 67 -39.50 20.92 -0.53
N PHE B 68 -38.48 20.40 0.14
CA PHE B 68 -37.60 19.45 -0.50
C PHE B 68 -38.12 18.04 -0.23
N SER B 69 -38.20 17.24 -1.28
CA SER B 69 -38.66 15.87 -1.17
C SER B 69 -37.82 15.00 -2.10
N GLY B 70 -37.56 13.78 -1.66
CA GLY B 70 -36.83 12.81 -2.45
C GLY B 70 -37.77 11.68 -2.79
N SER B 71 -37.56 11.06 -3.94
CA SER B 71 -38.43 10.00 -4.39
C SER B 71 -37.66 9.05 -5.30
N GLY B 72 -38.28 7.93 -5.60
CA GLY B 72 -37.72 6.95 -6.51
C GLY B 72 -37.43 5.63 -5.79
N SER B 73 -37.02 4.66 -6.59
CA SER B 73 -36.66 3.34 -6.08
C SER B 73 -35.90 2.61 -7.17
N GLY B 74 -35.40 1.43 -6.83
CA GLY B 74 -34.65 0.68 -7.81
C GLY B 74 -33.41 1.41 -8.27
N THR B 75 -33.42 1.92 -9.51
CA THR B 75 -32.31 2.70 -10.04
C THR B 75 -32.66 4.10 -10.54
N ASP B 76 -33.89 4.60 -10.33
CA ASP B 76 -34.28 5.94 -10.78
C ASP B 76 -34.71 6.76 -9.56
N PHE B 77 -34.07 7.91 -9.33
CA PHE B 77 -34.42 8.71 -8.15
C PHE B 77 -34.62 10.17 -8.52
N THR B 78 -35.49 10.84 -7.75
CA THR B 78 -35.81 12.23 -8.03
C THR B 78 -35.82 13.09 -6.76
N LEU B 79 -35.37 14.33 -6.89
CA LEU B 79 -35.45 15.37 -5.87
C LEU B 79 -36.32 16.47 -6.45
N THR B 80 -37.30 16.90 -5.69
CA THR B 80 -38.32 17.83 -6.16
C THR B 80 -38.41 18.98 -5.18
N ILE B 81 -38.32 20.21 -5.70
CA ILE B 81 -38.54 21.38 -4.89
C ILE B 81 -39.91 21.89 -5.28
N SER B 82 -40.80 21.88 -4.30
CA SER B 82 -42.21 22.15 -4.53
C SER B 82 -42.46 23.62 -4.81
N SER B 83 -42.21 24.49 -3.83
CA SER B 83 -42.40 25.92 -3.96
C SER B 83 -41.03 26.60 -3.82
N LEU B 84 -40.32 26.70 -4.94
CA LEU B 84 -38.99 27.29 -4.98
C LEU B 84 -38.98 28.68 -4.35
N GLN B 85 -38.02 28.93 -3.48
CA GLN B 85 -37.74 30.26 -2.96
C GLN B 85 -36.34 30.66 -3.37
N ALA B 86 -36.10 31.96 -3.43
CA ALA B 86 -34.81 32.47 -3.89
C ALA B 86 -33.66 31.93 -3.05
N GLU B 87 -33.89 31.71 -1.76
CA GLU B 87 -32.86 31.29 -0.83
C GLU B 87 -32.37 29.85 -1.11
N ASP B 88 -32.95 29.17 -2.10
CA ASP B 88 -32.63 27.79 -2.46
C ASP B 88 -31.73 27.65 -3.68
N VAL B 89 -31.29 28.73 -4.32
CA VAL B 89 -30.65 28.63 -5.64
C VAL B 89 -29.18 28.25 -5.49
N ALA B 90 -28.79 27.16 -6.15
CA ALA B 90 -27.52 26.48 -5.88
C ALA B 90 -27.33 25.38 -6.93
N VAL B 91 -26.24 24.62 -6.77
CA VAL B 91 -25.95 23.44 -7.57
C VAL B 91 -26.26 22.22 -6.74
N TYR B 92 -26.98 21.25 -7.30
CA TYR B 92 -27.40 20.07 -6.56
C TYR B 92 -26.76 18.79 -7.08
N TYR B 93 -26.25 17.98 -6.14
CA TYR B 93 -25.59 16.74 -6.46
C TYR B 93 -26.28 15.58 -5.76
N CYS B 94 -26.29 14.45 -6.45
CA CYS B 94 -26.68 13.16 -5.91
C CYS B 94 -25.46 12.28 -5.80
N GLN B 95 -25.42 11.47 -4.74
CA GLN B 95 -24.34 10.57 -4.39
C GLN B 95 -24.91 9.27 -3.87
N GLN B 96 -24.30 8.16 -4.29
CA GLN B 96 -24.64 6.82 -3.80
C GLN B 96 -23.65 6.43 -2.73
N TYR B 97 -24.12 5.73 -1.70
CA TYR B 97 -23.17 5.16 -0.75
C TYR B 97 -23.46 3.70 -0.49
N TYR B 98 -23.86 2.97 -1.54
CA TYR B 98 -23.88 1.51 -1.47
C TYR B 98 -22.53 0.97 -1.03
N SER B 99 -21.48 1.29 -1.80
CA SER B 99 -20.16 0.76 -1.52
C SER B 99 -19.07 1.69 -2.01
N THR B 100 -17.92 1.59 -1.36
CA THR B 100 -16.72 2.28 -1.79
C THR B 100 -16.31 1.67 -3.12
N PRO B 101 -16.16 2.46 -4.20
CA PRO B 101 -16.03 3.92 -4.32
C PRO B 101 -17.33 4.72 -4.40
N TYR B 102 -17.46 5.73 -3.53
CA TYR B 102 -18.63 6.59 -3.54
C TYR B 102 -18.60 7.38 -4.84
N THR B 103 -19.76 7.73 -5.36
CA THR B 103 -19.75 8.51 -6.59
C THR B 103 -20.83 9.57 -6.58
N PHE B 104 -20.49 10.73 -7.11
CA PHE B 104 -21.43 11.84 -7.23
C PHE B 104 -21.97 11.94 -8.66
N GLY B 105 -23.04 12.72 -8.80
CA GLY B 105 -23.53 13.11 -10.09
C GLY B 105 -22.70 14.24 -10.67
N GLN B 106 -23.01 14.59 -11.92
CA GLN B 106 -22.33 15.71 -12.56
C GLN B 106 -22.79 17.05 -12.00
N GLY B 107 -24.00 17.10 -11.42
CA GLY B 107 -24.49 18.35 -10.85
C GLY B 107 -25.50 19.06 -11.71
N THR B 108 -26.51 19.65 -11.07
CA THR B 108 -27.54 20.39 -11.77
C THR B 108 -27.49 21.81 -11.23
N LYS B 109 -27.22 22.75 -12.12
CA LYS B 109 -27.18 24.17 -11.80
C LYS B 109 -28.60 24.72 -11.91
N VAL B 110 -29.17 25.10 -10.76
CA VAL B 110 -30.57 25.49 -10.66
C VAL B 110 -30.64 26.97 -10.30
N GLU B 111 -31.37 27.74 -11.10
CA GLU B 111 -31.43 29.20 -11.01
C GLU B 111 -32.88 29.65 -11.08
N ILE B 112 -33.12 30.93 -10.85
CA ILE B 112 -34.47 31.49 -10.95
C ILE B 112 -34.68 31.91 -12.40
N LYS B 113 -35.83 31.54 -12.96
CA LYS B 113 -36.23 31.99 -14.28
C LYS B 113 -37.04 33.27 -14.10
N ARG B 114 -36.68 34.30 -14.86
CA ARG B 114 -37.43 35.55 -14.85
C ARG B 114 -37.60 35.99 -16.29
N THR B 115 -38.22 37.15 -16.48
CA THR B 115 -38.41 37.66 -17.84
C THR B 115 -37.08 38.03 -18.50
N VAL B 116 -37.05 37.90 -19.83
CA VAL B 116 -35.85 38.21 -20.65
C VAL B 116 -35.47 39.69 -20.57
N ALA B 117 -34.19 39.96 -20.29
CA ALA B 117 -33.67 41.31 -20.13
C ALA B 117 -32.42 41.52 -20.99
N ALA B 118 -32.44 42.56 -21.83
CA ALA B 118 -31.30 42.85 -22.71
C ALA B 118 -30.14 43.45 -21.92
N PRO B 119 -28.90 43.26 -22.38
CA PRO B 119 -27.75 43.81 -21.64
C PRO B 119 -27.42 45.25 -22.00
N SER B 120 -26.97 46.00 -20.99
CA SER B 120 -26.39 47.32 -21.22
C SER B 120 -24.91 47.14 -21.55
N VAL B 121 -24.52 47.46 -22.78
CA VAL B 121 -23.18 47.19 -23.27
C VAL B 121 -22.32 48.46 -23.22
N PHE B 122 -21.11 48.35 -22.66
CA PHE B 122 -20.17 49.47 -22.64
C PHE B 122 -18.79 48.98 -23.05
N ILE B 123 -17.98 49.90 -23.58
CA ILE B 123 -16.63 49.59 -24.01
C ILE B 123 -15.71 50.72 -23.56
N PHE B 124 -14.58 50.34 -22.98
CA PHE B 124 -13.59 51.23 -22.43
C PHE B 124 -12.25 51.00 -23.12
N PRO B 125 -11.55 52.05 -23.54
CA PRO B 125 -10.24 51.85 -24.13
C PRO B 125 -9.21 51.72 -23.03
N PRO B 126 -8.01 51.22 -23.32
CA PRO B 126 -7.02 51.09 -22.23
C PRO B 126 -6.49 52.43 -21.75
N SER B 127 -6.29 52.51 -20.43
CA SER B 127 -5.74 53.72 -19.83
C SER B 127 -4.29 53.87 -20.26
N ASP B 128 -3.82 55.12 -20.29
CA ASP B 128 -2.41 55.36 -20.60
C ASP B 128 -1.45 54.80 -19.55
N GLU B 129 -1.87 54.70 -18.30
CA GLU B 129 -1.02 54.02 -17.30
C GLU B 129 -0.73 52.58 -17.71
N GLN B 130 -1.77 51.83 -18.11
CA GLN B 130 -1.55 50.43 -18.50
C GLN B 130 -0.76 50.33 -19.81
N LEU B 131 -0.93 51.27 -20.76
CA LEU B 131 -0.13 51.24 -21.98
C LEU B 131 1.35 51.47 -21.69
N LYS B 132 1.66 52.17 -20.60
CA LYS B 132 3.06 52.34 -20.21
C LYS B 132 3.73 51.02 -19.82
N SER B 133 2.95 50.00 -19.44
CA SER B 133 3.58 48.73 -19.07
C SER B 133 4.02 47.96 -20.31
N GLY B 134 3.21 47.97 -21.38
CA GLY B 134 3.60 47.29 -22.61
C GLY B 134 2.53 46.50 -23.35
N THR B 135 1.43 46.15 -22.68
CA THR B 135 0.34 45.41 -23.29
C THR B 135 -0.90 46.30 -23.25
N ALA B 136 -1.98 45.89 -23.89
CA ALA B 136 -3.18 46.72 -23.92
C ALA B 136 -4.40 45.85 -23.82
N SER B 137 -5.28 46.20 -22.87
CA SER B 137 -6.53 45.49 -22.61
C SER B 137 -7.71 46.40 -22.89
N VAL B 138 -8.53 46.00 -23.85
CA VAL B 138 -9.80 46.66 -24.16
C VAL B 138 -10.88 45.82 -23.50
N VAL B 139 -11.70 46.45 -22.66
CA VAL B 139 -12.68 45.74 -21.85
C VAL B 139 -14.07 46.09 -22.36
N CYS B 140 -14.92 45.06 -22.46
CA CYS B 140 -16.31 45.19 -22.85
C CYS B 140 -17.18 44.63 -21.73
N LEU B 141 -18.21 45.38 -21.34
CA LEU B 141 -19.07 45.03 -20.22
C LEU B 141 -20.49 44.81 -20.69
N LEU B 142 -21.12 43.72 -20.23
CA LEU B 142 -22.52 43.40 -20.51
C LEU B 142 -23.27 43.35 -19.18
N ASN B 143 -24.08 44.38 -18.87
CA ASN B 143 -24.63 44.57 -17.52
C ASN B 143 -26.11 44.17 -17.48
N ASN B 144 -26.48 43.31 -16.52
CA ASN B 144 -27.86 43.02 -16.12
C ASN B 144 -28.72 42.50 -17.28
N PHE B 145 -28.37 41.29 -17.73
CA PHE B 145 -29.11 40.59 -18.79
C PHE B 145 -29.55 39.20 -18.31
N TYR B 146 -30.43 38.56 -19.10
CA TYR B 146 -30.86 37.18 -18.86
C TYR B 146 -31.50 36.59 -20.11
N PRO B 147 -31.22 35.31 -20.46
CA PRO B 147 -30.32 34.39 -19.75
C PRO B 147 -28.80 34.66 -19.93
N ARG B 148 -27.97 33.82 -19.32
CA ARG B 148 -26.51 34.00 -19.28
C ARG B 148 -25.87 33.84 -20.66
N GLU B 149 -26.51 33.12 -21.58
CA GLU B 149 -25.89 32.86 -22.87
C GLU B 149 -25.73 34.18 -23.63
N ALA B 150 -24.49 34.46 -24.04
CA ALA B 150 -24.12 35.67 -24.78
C ALA B 150 -22.81 35.43 -25.51
N LYS B 151 -22.70 35.99 -26.71
CA LYS B 151 -21.53 35.84 -27.56
C LYS B 151 -20.83 37.17 -27.73
N VAL B 152 -19.58 37.28 -27.28
CA VAL B 152 -18.78 38.47 -27.49
C VAL B 152 -17.75 38.17 -28.56
N GLN B 153 -17.73 38.99 -29.62
CA GLN B 153 -16.78 38.84 -30.72
C GLN B 153 -16.01 40.14 -30.92
N TRP B 154 -14.68 40.05 -30.83
CA TRP B 154 -13.84 41.22 -31.03
C TRP B 154 -13.46 41.40 -32.51
N LYS B 155 -13.40 42.66 -32.95
CA LYS B 155 -13.04 43.03 -34.32
C LYS B 155 -12.07 44.21 -34.27
N VAL B 156 -10.89 44.04 -34.89
CA VAL B 156 -9.88 45.09 -35.01
C VAL B 156 -9.79 45.53 -36.47
N ASP B 157 -10.33 46.72 -36.76
CA ASP B 157 -10.50 47.21 -38.14
C ASP B 157 -11.25 46.19 -38.96
N ASN B 158 -12.39 45.75 -38.42
CA ASN B 158 -13.26 44.78 -39.07
C ASN B 158 -12.56 43.46 -39.37
N ALA B 159 -11.49 43.16 -38.64
CA ALA B 159 -10.80 41.87 -38.75
C ALA B 159 -11.15 41.05 -37.50
N LEU B 160 -11.72 39.87 -37.72
CA LEU B 160 -12.17 39.00 -36.64
C LEU B 160 -11.02 38.45 -35.79
N GLN B 161 -11.15 38.60 -34.47
CA GLN B 161 -10.16 38.09 -33.51
C GLN B 161 -10.64 36.78 -32.90
N SER B 162 -9.70 35.85 -32.74
CA SER B 162 -9.98 34.56 -32.13
C SER B 162 -8.68 34.09 -31.49
N GLY B 163 -8.76 33.68 -30.23
CA GLY B 163 -7.61 33.16 -29.50
C GLY B 163 -6.93 34.17 -28.60
N ASN B 164 -7.48 35.38 -28.50
CA ASN B 164 -6.93 36.42 -27.64
C ASN B 164 -8.01 37.06 -26.77
N SER B 165 -9.13 36.36 -26.54
CA SER B 165 -10.25 36.88 -25.76
C SER B 165 -10.59 35.92 -24.64
N GLN B 166 -10.64 36.47 -23.41
CA GLN B 166 -11.05 35.84 -22.16
C GLN B 166 -12.29 36.54 -21.61
N GLU B 167 -13.22 35.76 -21.04
CA GLU B 167 -14.47 36.30 -20.53
C GLU B 167 -14.80 35.84 -19.12
N SER B 168 -15.56 36.65 -18.40
CA SER B 168 -16.06 36.26 -17.08
C SER B 168 -17.50 36.73 -16.92
N VAL B 169 -18.23 36.04 -16.03
CA VAL B 169 -19.66 36.24 -15.82
C VAL B 169 -19.94 36.39 -14.34
N THR B 170 -20.79 37.35 -13.96
CA THR B 170 -21.14 37.43 -12.54
C THR B 170 -22.08 36.29 -12.14
N GLU B 171 -22.13 36.01 -10.85
CA GLU B 171 -23.17 35.12 -10.32
C GLU B 171 -24.52 35.84 -10.47
N GLN B 172 -25.61 35.08 -10.38
CA GLN B 172 -26.92 35.69 -10.55
C GLN B 172 -27.15 36.71 -9.42
N ASP B 173 -27.40 37.97 -9.82
CA ASP B 173 -27.62 39.08 -8.87
C ASP B 173 -28.83 38.84 -7.98
N SER B 174 -28.61 38.84 -6.67
CA SER B 174 -29.68 38.54 -5.73
C SER B 174 -30.82 39.56 -5.75
N LYS B 175 -30.57 40.79 -6.19
CA LYS B 175 -31.64 41.79 -6.18
C LYS B 175 -32.57 41.57 -7.37
N ASP B 176 -32.03 41.67 -8.58
CA ASP B 176 -32.78 41.64 -9.83
C ASP B 176 -32.67 40.34 -10.63
N SER B 177 -31.92 39.34 -10.17
CA SER B 177 -31.80 38.07 -10.89
C SER B 177 -31.18 38.26 -12.28
N THR B 178 -30.14 39.08 -12.36
CA THR B 178 -29.51 39.34 -13.64
C THR B 178 -28.03 38.99 -13.61
N TYR B 179 -27.48 38.70 -14.80
CA TYR B 179 -26.07 38.40 -14.98
C TYR B 179 -25.35 39.57 -15.64
N SER B 180 -24.03 39.56 -15.52
CA SER B 180 -23.15 40.52 -16.17
C SER B 180 -21.91 39.81 -16.69
N LEU B 181 -21.47 40.14 -17.90
CA LEU B 181 -20.33 39.46 -18.52
C LEU B 181 -19.27 40.51 -18.85
N SER B 182 -18.00 40.15 -18.65
CA SER B 182 -16.87 41.02 -18.99
C SER B 182 -15.87 40.23 -19.81
N SER B 183 -15.62 40.69 -21.03
CA SER B 183 -14.66 40.05 -21.90
C SER B 183 -13.51 41.04 -22.08
N THR B 184 -12.29 40.56 -21.86
CA THR B 184 -11.11 41.46 -21.94
C THR B 184 -10.24 41.05 -23.13
N LEU B 185 -10.00 41.98 -24.05
CA LEU B 185 -9.10 41.70 -25.21
C LEU B 185 -7.73 42.25 -24.85
N THR B 186 -6.73 41.38 -24.76
CA THR B 186 -5.37 41.82 -24.36
C THR B 186 -4.43 41.64 -25.55
N LEU B 187 -3.75 42.70 -25.97
CA LEU B 187 -2.88 42.62 -27.17
C LEU B 187 -1.69 43.58 -27.00
N SER B 188 -0.61 43.34 -27.75
CA SER B 188 0.61 44.17 -27.60
C SER B 188 0.34 45.59 -28.06
N LYS B 189 1.12 46.56 -27.55
CA LYS B 189 0.94 47.97 -27.95
C LYS B 189 1.15 48.06 -29.44
N ALA B 190 2.14 47.34 -29.95
CA ALA B 190 2.36 47.30 -31.42
C ALA B 190 1.04 46.89 -32.09
N ASP B 191 0.63 45.64 -31.87
CA ASP B 191 -0.60 45.20 -32.53
C ASP B 191 -1.74 46.16 -32.27
N TYR B 192 -1.73 46.87 -31.13
CA TYR B 192 -2.84 47.78 -30.80
C TYR B 192 -2.83 49.02 -31.68
N GLU B 193 -1.67 49.67 -31.82
CA GLU B 193 -1.57 50.90 -32.60
C GLU B 193 -1.62 50.67 -34.10
N LYS B 194 -1.66 49.41 -34.56
CA LYS B 194 -1.69 49.18 -36.00
C LYS B 194 -3.07 49.39 -36.58
N HIS B 195 -4.10 49.42 -35.75
CA HIS B 195 -5.45 49.52 -36.25
C HIS B 195 -6.12 50.70 -35.57
N LYS B 196 -7.30 51.08 -36.09
CA LYS B 196 -8.02 52.26 -35.62
C LYS B 196 -9.36 51.92 -35.01
N VAL B 197 -10.18 51.13 -35.69
CA VAL B 197 -11.54 50.89 -35.24
C VAL B 197 -11.55 49.57 -34.50
N TYR B 198 -11.88 49.65 -33.22
CA TYR B 198 -12.08 48.52 -32.32
C TYR B 198 -13.53 48.48 -31.88
N ALA B 199 -14.14 47.34 -32.09
CA ALA B 199 -15.56 47.18 -31.90
C ALA B 199 -15.74 45.92 -31.08
N CYS B 200 -16.79 45.92 -30.28
CA CYS B 200 -17.18 44.76 -29.49
C CYS B 200 -18.59 44.47 -29.92
N GLU B 201 -18.82 43.31 -30.51
CA GLU B 201 -20.11 42.96 -31.04
C GLU B 201 -20.71 41.89 -30.13
N VAL B 202 -21.86 42.21 -29.55
CA VAL B 202 -22.53 41.40 -28.55
C VAL B 202 -23.77 40.79 -29.19
N THR B 203 -23.94 39.49 -29.03
CA THR B 203 -25.14 38.79 -29.49
C THR B 203 -25.89 38.19 -28.30
N HIS B 204 -27.13 38.61 -28.11
CA HIS B 204 -27.93 38.13 -27.00
C HIS B 204 -29.38 38.04 -27.46
N GLN B 205 -30.18 37.22 -26.76
CA GLN B 205 -31.58 37.04 -27.12
C GLN B 205 -32.41 38.33 -27.00
N GLY B 206 -32.16 39.12 -25.96
CA GLY B 206 -32.86 40.39 -25.76
C GLY B 206 -32.57 41.50 -26.76
N LEU B 207 -31.59 41.29 -27.66
CA LEU B 207 -31.22 42.27 -28.67
C LEU B 207 -31.79 41.83 -30.01
N SER B 208 -32.62 42.68 -30.60
CA SER B 208 -33.17 42.40 -31.91
C SER B 208 -32.08 42.32 -32.98
N SER B 209 -31.08 43.19 -32.89
CA SER B 209 -29.93 43.17 -33.78
C SER B 209 -28.68 43.26 -32.90
N PRO B 210 -27.53 42.76 -33.35
CA PRO B 210 -26.34 42.84 -32.49
C PRO B 210 -26.04 44.29 -32.18
N VAL B 211 -25.68 44.57 -30.93
CA VAL B 211 -25.39 45.95 -30.52
C VAL B 211 -23.89 46.09 -30.36
N THR B 212 -23.33 47.08 -31.05
CA THR B 212 -21.90 47.34 -31.00
C THR B 212 -21.62 48.72 -30.41
N LYS B 213 -20.69 48.79 -29.48
CA LYS B 213 -20.18 50.04 -28.95
C LYS B 213 -18.67 49.99 -29.17
N SER B 214 -18.16 51.02 -29.82
CA SER B 214 -16.80 51.12 -30.31
C SER B 214 -16.24 52.47 -29.90
N PHE B 215 -14.99 52.69 -30.28
CA PHE B 215 -14.30 53.95 -30.06
C PHE B 215 -13.18 54.05 -31.08
N ASN B 216 -12.65 55.26 -31.26
CA ASN B 216 -11.54 55.42 -32.17
C ASN B 216 -10.30 55.68 -31.33
N ARG B 217 -9.23 54.97 -31.63
CA ARG B 217 -7.99 55.11 -30.87
C ARG B 217 -7.41 56.51 -31.01
N GLY B 218 -7.30 57.19 -29.89
CA GLY B 218 -6.73 58.53 -29.79
C GLY B 218 -7.77 59.64 -29.67
N GLU B 219 -8.86 59.55 -30.43
CA GLU B 219 -9.89 60.58 -30.32
C GLU B 219 -10.63 60.42 -28.99
N CYS B 220 -11.08 61.56 -28.45
CA CYS B 220 -11.80 61.58 -27.15
C CYS B 220 -13.22 61.04 -27.30
N SER B 221 -13.38 59.72 -27.33
CA SER B 221 -14.72 59.11 -27.36
C SER B 221 -14.80 57.81 -26.54
N THR C 6 -42.32 -0.03 25.74
CA THR C 6 -42.20 1.32 26.27
C THR C 6 -41.16 1.40 27.40
N ASN C 7 -40.43 0.31 27.63
CA ASN C 7 -39.45 0.25 28.70
C ASN C 7 -38.06 0.28 28.09
N LEU C 8 -37.05 0.42 28.95
CA LEU C 8 -35.66 0.46 28.50
C LEU C 8 -35.10 -0.94 28.16
N CYS C 9 -34.14 -0.97 27.22
CA CYS C 9 -33.41 -2.01 26.50
C CYS C 9 -32.21 -2.45 27.30
N PRO C 10 -31.95 -3.71 27.23
CA PRO C 10 -30.88 -4.31 28.05
C PRO C 10 -29.47 -4.12 27.55
N PHE C 11 -29.17 -3.13 26.71
CA PHE C 11 -27.78 -3.02 26.26
C PHE C 11 -26.83 -3.06 27.43
N GLY C 12 -27.22 -2.51 28.59
CA GLY C 12 -26.33 -2.59 29.72
C GLY C 12 -26.08 -4.02 30.13
N GLU C 13 -27.02 -4.91 29.84
CA GLU C 13 -26.78 -6.29 30.23
C GLU C 13 -25.64 -6.86 29.41
N VAL C 14 -25.59 -6.52 28.12
CA VAL C 14 -24.64 -7.14 27.20
C VAL C 14 -23.22 -6.62 27.41
N PHE C 15 -23.05 -5.30 27.40
CA PHE C 15 -21.72 -4.69 27.49
C PHE C 15 -21.08 -4.82 28.85
N ASN C 16 -21.84 -4.57 29.91
CA ASN C 16 -21.28 -4.61 31.26
C ASN C 16 -21.41 -5.99 31.92
N ALA C 17 -21.43 -7.07 31.12
CA ALA C 17 -21.50 -8.43 31.63
C ALA C 17 -20.20 -8.82 32.32
N THR C 18 -20.32 -9.59 33.40
CA THR C 18 -19.15 -9.99 34.17
C THR C 18 -18.25 -10.91 33.39
N ARG C 19 -18.82 -11.89 32.70
CA ARG C 19 -18.10 -12.85 31.88
C ARG C 19 -18.57 -12.67 30.44
N PHE C 20 -17.69 -13.01 29.50
CA PHE C 20 -17.94 -12.92 28.07
C PHE C 20 -17.66 -14.30 27.48
N ALA C 21 -18.42 -14.70 26.46
CA ALA C 21 -18.16 -16.06 25.97
C ALA C 21 -16.92 -16.11 25.11
N SER C 22 -16.47 -17.34 24.81
CA SER C 22 -15.31 -17.37 23.95
C SER C 22 -15.79 -17.17 22.53
N VAL C 23 -14.84 -17.01 21.62
CA VAL C 23 -15.19 -16.66 20.25
C VAL C 23 -16.01 -17.79 19.60
N TYR C 24 -15.52 -19.05 19.63
CA TYR C 24 -16.20 -20.10 18.89
C TYR C 24 -17.62 -20.30 19.41
N ALA C 25 -17.82 -20.23 20.72
CA ALA C 25 -19.17 -20.32 21.29
C ALA C 25 -19.70 -18.93 21.65
N TRP C 26 -19.91 -18.08 20.65
CA TRP C 26 -20.30 -16.68 20.91
C TRP C 26 -21.77 -16.48 21.26
N ASN C 27 -22.04 -15.60 22.23
CA ASN C 27 -23.42 -15.41 22.73
C ASN C 27 -24.18 -14.42 21.84
N ARG C 28 -25.48 -14.64 21.69
CA ARG C 28 -26.34 -13.72 20.89
C ARG C 28 -27.53 -13.32 21.77
N LYS C 29 -27.84 -12.03 21.83
CA LYS C 29 -29.00 -11.56 22.63
C LYS C 29 -29.99 -10.94 21.67
N ARG C 30 -31.25 -11.38 21.74
CA ARG C 30 -32.28 -10.73 20.90
C ARG C 30 -32.90 -9.61 21.75
N ILE C 31 -32.80 -8.38 21.26
CA ILE C 31 -33.34 -7.23 22.00
C ILE C 31 -34.64 -6.83 21.29
N SER C 32 -35.75 -6.78 22.02
CA SER C 32 -37.07 -6.47 21.41
C SER C 32 -38.04 -5.94 22.47
N ASN C 33 -39.14 -5.33 22.03
CA ASN C 33 -40.18 -4.84 22.97
C ASN C 33 -39.55 -3.87 23.98
N CYS C 34 -38.57 -3.09 23.52
CA CYS C 34 -37.90 -2.11 24.34
C CYS C 34 -37.71 -0.85 23.51
N VAL C 35 -37.24 0.19 24.16
CA VAL C 35 -36.88 1.46 23.53
C VAL C 35 -35.49 1.76 24.06
N ALA C 36 -34.53 1.93 23.14
CA ALA C 36 -33.14 2.13 23.53
C ALA C 36 -32.43 3.39 23.09
N ASP C 37 -31.56 3.84 23.98
CA ASP C 37 -30.78 5.04 23.79
C ASP C 37 -29.39 4.61 23.27
N TYR C 38 -29.17 4.73 21.96
CA TYR C 38 -27.87 4.39 21.39
C TYR C 38 -26.85 5.50 21.65
N SER C 39 -27.26 6.58 22.30
CA SER C 39 -26.34 7.73 22.55
C SER C 39 -25.30 7.35 23.58
N VAL C 40 -25.67 6.47 24.49
CA VAL C 40 -24.74 6.05 25.57
C VAL C 40 -23.58 5.39 24.86
N LEU C 41 -23.89 4.62 23.84
CA LEU C 41 -22.84 3.89 23.11
C LEU C 41 -21.96 4.84 22.29
N TYR C 42 -22.54 5.76 21.52
CA TYR C 42 -21.74 6.62 20.61
C TYR C 42 -20.93 7.68 21.37
N ASN C 43 -21.37 8.08 22.55
CA ASN C 43 -20.70 9.19 23.26
C ASN C 43 -19.83 8.65 24.38
N SER C 44 -19.38 7.41 24.26
CA SER C 44 -18.61 6.79 25.37
C SER C 44 -17.13 6.73 25.03
N ALA C 45 -16.27 6.92 26.03
CA ALA C 45 -14.81 6.95 25.78
C ALA C 45 -14.22 5.58 26.04
N SER C 46 -15.04 4.64 26.49
CA SER C 46 -14.50 3.31 26.84
C SER C 46 -14.04 2.57 25.60
N PHE C 47 -14.78 2.71 24.50
CA PHE C 47 -14.50 1.92 23.28
C PHE C 47 -13.21 2.35 22.57
N SER C 48 -12.49 1.40 21.98
CA SER C 48 -11.22 1.69 21.26
C SER C 48 -11.53 1.55 19.78
N THR C 49 -12.64 0.90 19.46
CA THR C 49 -13.03 0.70 18.07
C THR C 49 -14.55 0.71 17.93
N PHE C 50 -15.05 1.47 16.99
CA PHE C 50 -16.51 1.57 16.82
C PHE C 50 -16.72 1.72 15.31
N LYS C 51 -16.96 0.62 14.66
CA LYS C 51 -17.01 0.63 13.21
C LYS C 51 -18.44 0.27 12.83
N CYS C 52 -19.28 1.26 12.49
CA CYS C 52 -20.55 0.86 11.92
C CYS C 52 -20.50 0.67 10.41
N TYR C 53 -21.18 -0.37 9.96
CA TYR C 53 -21.17 -0.84 8.59
C TYR C 53 -22.58 -0.79 8.01
N GLY C 54 -23.06 0.29 7.42
CA GLY C 54 -24.45 0.32 6.96
C GLY C 54 -25.33 1.39 7.54
N VAL C 55 -25.13 1.77 8.79
CA VAL C 55 -26.07 2.72 9.38
C VAL C 55 -25.26 3.74 10.17
N SER C 56 -25.70 4.99 10.16
CA SER C 56 -25.17 6.04 11.04
C SER C 56 -25.59 5.81 12.49
N PRO C 57 -24.69 5.50 13.43
CA PRO C 57 -25.19 5.28 14.80
C PRO C 57 -25.76 6.54 15.47
N THR C 58 -25.21 7.75 15.25
CA THR C 58 -26.03 8.95 15.36
C THR C 58 -27.13 8.83 14.31
N LYS C 59 -28.33 9.31 14.60
CA LYS C 59 -29.50 9.33 13.70
C LYS C 59 -30.28 8.03 13.89
N LEU C 60 -29.68 7.04 14.57
CA LEU C 60 -30.29 5.75 14.86
C LEU C 60 -31.53 5.83 15.75
N ASN C 61 -31.51 6.71 16.75
CA ASN C 61 -32.63 6.86 17.68
C ASN C 61 -33.91 7.37 17.03
N ASP C 62 -33.88 7.73 15.75
CA ASP C 62 -35.05 8.13 14.98
C ASP C 62 -35.67 6.99 14.18
N LEU C 63 -35.18 5.78 14.31
CA LEU C 63 -35.67 4.64 13.56
C LEU C 63 -36.34 3.63 14.49
N CYS C 64 -36.85 2.56 13.88
CA CYS C 64 -37.45 1.46 14.62
C CYS C 64 -37.14 0.22 13.81
N PHE C 65 -36.94 -0.90 14.50
CA PHE C 65 -36.55 -2.12 13.85
C PHE C 65 -37.37 -3.31 14.30
N THR C 66 -37.31 -4.38 13.53
CA THR C 66 -38.02 -5.58 13.93
C THR C 66 -37.24 -6.27 15.04
N ASN C 67 -35.95 -6.53 14.79
CA ASN C 67 -35.07 -7.18 15.75
C ASN C 67 -33.68 -6.59 15.68
N VAL C 68 -33.09 -6.39 16.84
CA VAL C 68 -31.72 -5.95 16.93
C VAL C 68 -31.00 -7.01 17.74
N TYR C 69 -29.92 -7.54 17.18
CA TYR C 69 -29.18 -8.64 17.79
C TYR C 69 -27.85 -8.12 18.31
N ALA C 70 -27.52 -8.42 19.56
CA ALA C 70 -26.24 -7.98 20.14
C ALA C 70 -25.40 -9.24 20.38
N ASP C 71 -24.53 -9.55 19.41
CA ASP C 71 -23.56 -10.64 19.58
C ASP C 71 -22.36 -10.14 20.40
N SER C 72 -21.74 -11.07 21.14
CA SER C 72 -20.64 -10.73 22.04
C SER C 72 -19.69 -11.89 22.27
N PHE C 73 -18.40 -11.59 22.28
CA PHE C 73 -17.34 -12.57 22.49
C PHE C 73 -16.01 -11.87 22.77
N VAL C 74 -14.92 -12.64 22.80
CA VAL C 74 -13.58 -12.11 23.10
C VAL C 74 -12.56 -12.67 22.13
N ILE C 75 -11.75 -11.80 21.55
CA ILE C 75 -10.69 -12.19 20.62
C ILE C 75 -9.43 -11.47 21.06
N ARG C 76 -8.34 -11.67 20.35
CA ARG C 76 -7.18 -10.88 20.72
C ARG C 76 -7.24 -9.59 19.92
N GLY C 77 -6.53 -8.56 20.41
CA GLY C 77 -6.57 -7.27 19.75
C GLY C 77 -6.23 -7.31 18.28
N ASP C 78 -5.24 -8.14 17.89
CA ASP C 78 -4.90 -8.23 16.49
C ASP C 78 -6.05 -8.73 15.63
N GLU C 79 -7.04 -9.40 16.23
CA GLU C 79 -8.15 -9.98 15.45
C GLU C 79 -9.33 -9.05 15.32
N VAL C 80 -9.35 -7.91 16.00
CA VAL C 80 -10.55 -7.09 15.96
C VAL C 80 -10.79 -6.53 14.55
N ARG C 81 -9.73 -6.34 13.77
CA ARG C 81 -9.91 -5.82 12.41
C ARG C 81 -10.64 -6.84 11.53
N GLN C 82 -10.58 -8.12 11.88
CA GLN C 82 -11.15 -9.23 11.12
C GLN C 82 -12.65 -9.36 11.29
N ILE C 83 -13.22 -8.66 12.27
CA ILE C 83 -14.66 -8.68 12.55
C ILE C 83 -15.25 -7.62 11.62
N ALA C 84 -15.52 -8.02 10.41
CA ALA C 84 -15.96 -7.01 9.45
C ALA C 84 -16.40 -7.69 8.18
N PRO C 85 -17.30 -7.11 7.41
CA PRO C 85 -17.68 -7.78 6.17
C PRO C 85 -16.47 -7.97 5.29
N GLY C 86 -16.45 -9.10 4.56
CA GLY C 86 -15.38 -9.32 3.63
C GLY C 86 -14.06 -9.48 4.34
N GLN C 87 -13.90 -10.38 5.29
CA GLN C 87 -12.61 -10.43 5.94
C GLN C 87 -12.18 -11.89 6.05
N THR C 88 -10.87 -12.11 6.13
CA THR C 88 -10.31 -13.45 6.16
C THR C 88 -9.28 -13.67 7.24
N GLY C 89 -9.40 -14.78 7.92
CA GLY C 89 -8.44 -15.12 8.94
C GLY C 89 -8.98 -16.27 9.76
N LYS C 90 -8.18 -16.70 10.72
CA LYS C 90 -8.62 -17.79 11.57
C LYS C 90 -9.93 -17.43 12.23
N ILE C 91 -10.07 -16.19 12.67
CA ILE C 91 -11.28 -15.78 13.36
C ILE C 91 -12.46 -15.63 12.39
N ALA C 92 -12.23 -15.08 11.21
CA ALA C 92 -13.34 -14.84 10.28
C ALA C 92 -13.83 -16.11 9.60
N ASP C 93 -12.94 -17.08 9.41
CA ASP C 93 -13.27 -18.27 8.66
C ASP C 93 -13.76 -19.42 9.53
N TYR C 94 -13.28 -19.51 10.77
CA TYR C 94 -13.53 -20.65 11.60
C TYR C 94 -14.37 -20.35 12.86
N ASN C 95 -14.44 -19.08 13.29
CA ASN C 95 -15.05 -18.75 14.58
C ASN C 95 -16.28 -17.84 14.51
N TYR C 96 -16.23 -16.74 13.73
CA TYR C 96 -17.28 -15.72 13.67
C TYR C 96 -17.19 -14.96 12.34
N LYS C 97 -18.18 -15.14 11.47
CA LYS C 97 -18.24 -14.51 10.16
C LYS C 97 -19.37 -13.52 10.02
N LEU C 98 -19.13 -12.43 9.28
CA LEU C 98 -20.08 -11.36 9.04
C LEU C 98 -20.44 -11.32 7.55
N PRO C 99 -21.70 -11.14 7.21
CA PRO C 99 -22.11 -11.13 5.79
C PRO C 99 -21.68 -9.87 5.06
N ASP C 100 -21.53 -10.00 3.74
CA ASP C 100 -21.13 -8.84 2.96
C ASP C 100 -22.18 -7.77 3.00
N ASP C 101 -23.46 -8.12 3.01
CA ASP C 101 -24.46 -7.06 3.10
C ASP C 101 -24.80 -6.76 4.56
N PHE C 102 -23.74 -6.54 5.35
CA PHE C 102 -23.85 -6.33 6.79
C PHE C 102 -24.40 -4.97 7.11
N THR C 103 -25.47 -4.94 7.90
CA THR C 103 -26.11 -3.72 8.41
C THR C 103 -25.91 -3.63 9.92
N GLY C 104 -24.83 -3.03 10.38
CA GLY C 104 -24.67 -2.99 11.83
C GLY C 104 -23.49 -2.20 12.38
N CYS C 105 -22.89 -2.61 13.51
CA CYS C 105 -21.81 -1.89 14.16
C CYS C 105 -20.98 -2.88 14.94
N VAL C 106 -19.71 -2.53 15.15
CA VAL C 106 -18.78 -3.43 15.81
C VAL C 106 -18.06 -2.63 16.87
N ILE C 107 -18.22 -3.00 18.13
CA ILE C 107 -17.59 -2.25 19.20
C ILE C 107 -16.59 -3.12 19.95
N ALA C 108 -15.41 -2.56 20.23
CA ALA C 108 -14.32 -3.28 20.89
C ALA C 108 -13.54 -2.37 21.83
N TRP C 109 -13.19 -2.92 22.99
CA TRP C 109 -12.37 -2.24 24.00
C TRP C 109 -11.42 -3.20 24.72
N ASN C 110 -10.25 -2.70 25.09
CA ASN C 110 -9.23 -3.54 25.71
C ASN C 110 -9.70 -3.98 27.09
N SER C 111 -9.36 -5.20 27.48
CA SER C 111 -9.76 -5.75 28.78
C SER C 111 -8.62 -6.54 29.39
N ASN C 112 -7.37 -6.10 29.22
CA ASN C 112 -6.29 -6.88 29.83
C ASN C 112 -6.42 -6.96 31.34
N ASN C 113 -7.07 -5.97 31.97
CA ASN C 113 -7.24 -6.00 33.42
C ASN C 113 -8.32 -6.94 33.93
N LEU C 114 -9.21 -7.38 33.06
CA LEU C 114 -10.30 -8.25 33.45
C LEU C 114 -10.08 -9.68 33.01
N ASP C 115 -9.82 -9.93 31.71
CA ASP C 115 -9.77 -11.29 31.20
C ASP C 115 -8.38 -11.93 31.16
N SER C 116 -7.33 -11.33 31.79
CA SER C 116 -5.98 -11.91 31.72
C SER C 116 -5.57 -12.38 33.10
N LYS C 117 -5.53 -13.69 33.31
CA LYS C 117 -4.91 -14.27 34.50
C LYS C 117 -3.39 -14.26 34.38
N VAL C 118 -2.69 -14.30 35.54
CA VAL C 118 -1.23 -14.28 35.53
C VAL C 118 -0.64 -15.54 34.92
N GLY C 119 -1.16 -16.70 35.31
CA GLY C 119 -0.63 -17.90 34.68
C GLY C 119 -1.23 -18.29 33.37
N GLY C 120 -2.23 -17.57 32.90
CA GLY C 120 -2.80 -18.00 31.66
C GLY C 120 -4.23 -18.33 31.97
N ASN C 121 -5.11 -17.64 31.28
CA ASN C 121 -6.54 -17.84 31.39
C ASN C 121 -6.90 -18.90 30.37
N TYR C 122 -7.13 -20.11 30.85
CA TYR C 122 -7.43 -21.12 29.86
C TYR C 122 -8.90 -21.25 29.60
N ASN C 123 -9.69 -20.31 30.10
CA ASN C 123 -11.11 -20.41 29.83
C ASN C 123 -11.49 -19.85 28.48
N TYR C 124 -10.62 -19.07 27.83
CA TYR C 124 -10.92 -18.53 26.50
C TYR C 124 -10.32 -19.34 25.36
N LEU C 125 -11.17 -19.76 24.44
CA LEU C 125 -10.78 -20.64 23.36
C LEU C 125 -11.08 -20.05 21.98
N TYR C 126 -10.51 -20.67 20.97
CA TYR C 126 -10.78 -20.30 19.59
C TYR C 126 -10.56 -21.54 18.77
N ARG C 127 -11.36 -21.65 17.73
CA ARG C 127 -11.31 -22.79 16.85
C ARG C 127 -10.18 -22.59 15.87
N LEU C 128 -9.21 -23.51 15.90
CA LEU C 128 -8.08 -23.43 15.00
C LEU C 128 -8.13 -24.41 13.86
N PHE C 129 -8.98 -25.43 13.93
CA PHE C 129 -9.01 -26.45 12.89
C PHE C 129 -10.44 -26.57 12.35
N ARG C 130 -10.55 -26.52 11.04
CA ARG C 130 -11.89 -26.74 10.50
C ARG C 130 -11.77 -26.94 9.00
N LYS C 131 -12.56 -27.83 8.46
CA LYS C 131 -12.29 -28.12 7.06
C LYS C 131 -13.09 -27.24 6.14
N SER C 132 -13.93 -26.37 6.67
CA SER C 132 -14.67 -25.50 5.78
C SER C 132 -15.00 -24.20 6.50
N ASN C 133 -14.85 -23.07 5.79
CA ASN C 133 -15.14 -21.79 6.42
C ASN C 133 -16.61 -21.69 6.79
N LEU C 134 -16.87 -20.99 7.90
CA LEU C 134 -18.21 -20.78 8.41
C LEU C 134 -19.01 -19.91 7.45
N LYS C 135 -20.31 -20.20 7.34
CA LYS C 135 -21.24 -19.30 6.64
C LYS C 135 -21.53 -18.13 7.57
N PRO C 136 -21.97 -17.00 7.02
CA PRO C 136 -22.19 -15.82 7.87
C PRO C 136 -23.18 -16.12 8.97
N PHE C 137 -22.85 -15.67 10.18
CA PHE C 137 -23.63 -15.84 11.41
C PHE C 137 -23.74 -17.29 11.84
N GLU C 138 -22.79 -18.15 11.43
CA GLU C 138 -22.81 -19.54 11.84
C GLU C 138 -22.05 -19.66 13.15
N ARG C 139 -22.40 -20.66 13.93
CA ARG C 139 -21.83 -20.87 15.25
C ARG C 139 -21.51 -22.35 15.43
N ASP C 140 -20.24 -22.67 15.59
CA ASP C 140 -19.80 -24.05 15.69
C ASP C 140 -19.23 -24.30 17.07
N ILE C 141 -19.77 -25.30 17.76
CA ILE C 141 -19.32 -25.64 19.14
C ILE C 141 -18.81 -27.09 19.13
N SER C 142 -18.44 -27.61 17.96
CA SER C 142 -18.01 -29.02 17.84
C SER C 142 -16.69 -29.27 18.56
N THR C 143 -16.61 -30.36 19.31
CA THR C 143 -15.38 -30.72 20.03
C THR C 143 -14.79 -32.00 19.45
N GLU C 144 -15.31 -32.47 18.31
CA GLU C 144 -14.86 -33.75 17.71
C GLU C 144 -13.42 -33.61 17.27
N ILE C 145 -12.61 -34.65 17.48
CA ILE C 145 -11.16 -34.56 17.16
C ILE C 145 -10.97 -34.37 15.67
N TYR C 146 -10.08 -33.47 15.27
CA TYR C 146 -9.88 -33.15 13.84
C TYR C 146 -9.01 -34.21 13.18
N GLN C 147 -9.47 -34.72 12.04
CA GLN C 147 -8.67 -35.71 11.29
C GLN C 147 -7.81 -34.93 10.30
N ALA C 148 -6.55 -34.71 10.66
CA ALA C 148 -5.68 -34.04 9.71
C ALA C 148 -5.15 -35.03 8.71
N GLY C 149 -4.88 -36.24 9.17
CA GLY C 149 -4.31 -37.27 8.34
C GLY C 149 -5.35 -38.07 7.57
N SER C 150 -4.84 -39.10 6.91
CA SER C 150 -5.66 -40.00 6.13
C SER C 150 -6.34 -41.03 7.02
N THR C 151 -5.74 -41.30 8.21
CA THR C 151 -6.18 -42.22 9.25
C THR C 151 -7.22 -41.60 10.18
N PRO C 152 -8.25 -42.38 10.52
CA PRO C 152 -9.33 -41.93 11.42
C PRO C 152 -8.80 -41.88 12.86
N CYS C 153 -9.38 -41.01 13.69
CA CYS C 153 -8.89 -40.99 15.07
C CYS C 153 -9.79 -41.72 16.05
N ASN C 154 -11.08 -41.75 15.77
CA ASN C 154 -12.07 -42.39 16.59
C ASN C 154 -12.01 -41.91 18.05
N GLY C 155 -12.18 -40.61 18.24
CA GLY C 155 -12.22 -40.12 19.62
C GLY C 155 -10.91 -40.07 20.41
N VAL C 156 -9.76 -40.35 19.80
CA VAL C 156 -8.48 -40.31 20.49
C VAL C 156 -7.58 -39.27 19.84
N GLU C 157 -7.03 -38.35 20.62
CA GLU C 157 -6.14 -37.42 19.95
C GLU C 157 -4.73 -37.98 19.94
N GLY C 158 -3.86 -37.29 19.20
CA GLY C 158 -2.47 -37.64 18.99
C GLY C 158 -1.89 -37.03 17.73
N PHE C 159 -1.16 -37.78 16.92
CA PHE C 159 -0.63 -37.25 15.66
C PHE C 159 -1.68 -37.26 14.57
N ASN C 160 -1.86 -36.13 13.89
CA ASN C 160 -2.91 -35.90 12.87
C ASN C 160 -4.30 -35.99 13.45
N CYS C 161 -4.40 -36.07 14.77
CA CYS C 161 -5.65 -36.06 15.51
C CYS C 161 -5.53 -34.97 16.58
N TYR C 162 -6.12 -33.82 16.33
CA TYR C 162 -5.91 -32.62 17.15
C TYR C 162 -7.23 -32.19 17.73
N PHE C 163 -7.18 -31.71 18.97
CA PHE C 163 -8.38 -31.14 19.56
C PHE C 163 -8.68 -29.86 18.80
N PRO C 164 -9.91 -29.63 18.36
CA PRO C 164 -10.15 -28.52 17.43
C PRO C 164 -10.17 -27.15 18.06
N LEU C 165 -10.03 -27.02 19.37
CA LEU C 165 -10.05 -25.72 19.99
C LEU C 165 -8.70 -25.52 20.66
N GLN C 166 -8.22 -24.28 20.66
CA GLN C 166 -6.94 -23.98 21.35
C GLN C 166 -7.15 -22.76 22.23
N SER C 167 -6.25 -22.53 23.18
CA SER C 167 -6.44 -21.42 24.15
C SER C 167 -5.60 -20.20 23.80
N TYR C 168 -6.21 -19.03 23.84
CA TYR C 168 -5.48 -17.77 23.59
C TYR C 168 -4.40 -17.64 24.67
N GLY C 169 -4.69 -18.11 25.88
CA GLY C 169 -3.72 -18.03 27.00
C GLY C 169 -3.35 -16.61 27.33
N PHE C 170 -4.34 -15.76 27.52
CA PHE C 170 -4.09 -14.33 27.78
C PHE C 170 -3.29 -14.14 29.06
N GLN C 171 -2.24 -13.33 29.00
CA GLN C 171 -1.40 -13.00 30.17
C GLN C 171 -1.15 -11.51 30.05
N PRO C 172 -1.06 -10.74 31.14
CA PRO C 172 -0.95 -9.29 31.04
C PRO C 172 0.34 -8.65 30.49
N THR C 173 1.45 -9.39 30.42
CA THR C 173 2.70 -8.77 30.02
C THR C 173 2.90 -8.83 28.51
N ASN C 174 1.97 -9.47 27.79
CA ASN C 174 1.96 -9.57 26.36
C ASN C 174 1.78 -8.17 25.80
N GLY C 175 2.21 -7.95 24.55
CA GLY C 175 1.99 -6.67 23.93
C GLY C 175 0.53 -6.33 23.77
N VAL C 176 0.30 -5.05 23.45
CA VAL C 176 -1.07 -4.58 23.31
C VAL C 176 -1.78 -5.34 22.21
N GLY C 177 -1.04 -5.78 21.20
CA GLY C 177 -1.62 -6.56 20.13
C GLY C 177 -2.19 -7.89 20.54
N TYR C 178 -1.55 -8.56 21.50
CA TYR C 178 -1.94 -9.91 21.88
C TYR C 178 -2.76 -9.95 23.18
N GLN C 179 -3.58 -8.95 23.43
CA GLN C 179 -4.36 -8.85 24.66
C GLN C 179 -5.85 -9.00 24.36
N PRO C 180 -6.61 -9.50 25.32
CA PRO C 180 -8.03 -9.77 25.08
C PRO C 180 -8.85 -8.50 24.96
N TYR C 181 -9.60 -8.39 23.88
CA TYR C 181 -10.56 -7.33 23.63
C TYR C 181 -11.98 -7.86 23.64
N ARG C 182 -12.84 -7.23 24.44
CA ARG C 182 -14.25 -7.61 24.46
C ARG C 182 -14.99 -6.95 23.31
N VAL C 183 -15.74 -7.74 22.54
CA VAL C 183 -16.37 -7.29 21.31
C VAL C 183 -17.87 -7.49 21.36
N VAL C 184 -18.61 -6.48 20.95
CA VAL C 184 -20.04 -6.53 20.78
C VAL C 184 -20.37 -6.22 19.34
N VAL C 185 -21.31 -6.93 18.77
CA VAL C 185 -21.71 -6.73 17.38
C VAL C 185 -23.22 -6.47 17.34
N LEU C 186 -23.61 -5.27 16.93
CA LEU C 186 -25.03 -4.93 16.84
C LEU C 186 -25.45 -5.20 15.41
N SER C 187 -26.60 -5.86 15.24
CA SER C 187 -27.16 -6.22 13.94
C SER C 187 -28.59 -5.73 13.87
N PHE C 188 -28.92 -5.01 12.82
CA PHE C 188 -30.24 -4.45 12.61
C PHE C 188 -30.90 -5.17 11.45
N GLU C 189 -32.08 -5.68 11.73
CA GLU C 189 -32.91 -6.39 10.81
C GLU C 189 -34.27 -5.71 10.74
N LEU C 190 -34.89 -5.82 9.58
CA LEU C 190 -36.19 -5.21 9.33
C LEU C 190 -36.88 -6.11 8.32
N LEU C 191 -37.91 -6.82 8.77
CA LEU C 191 -38.78 -7.52 7.85
C LEU C 191 -39.95 -6.60 7.50
N HIS C 192 -40.94 -7.12 6.78
CA HIS C 192 -42.18 -6.37 6.62
C HIS C 192 -43.11 -6.61 7.83
N ALA C 193 -42.57 -7.20 8.89
CA ALA C 193 -43.15 -7.42 10.21
C ALA C 193 -43.15 -6.17 11.11
N PRO C 194 -43.92 -6.20 12.21
CA PRO C 194 -44.01 -5.07 13.14
C PRO C 194 -42.69 -4.72 13.85
N ALA C 195 -42.32 -3.44 13.76
CA ALA C 195 -41.15 -2.90 14.47
C ALA C 195 -41.41 -2.64 15.95
N THR C 196 -40.51 -3.12 16.81
CA THR C 196 -40.71 -3.09 18.26
C THR C 196 -39.55 -2.43 18.99
N VAL C 197 -38.34 -2.46 18.39
CA VAL C 197 -37.16 -1.80 18.94
C VAL C 197 -37.13 -0.38 18.39
N CYS C 198 -37.55 0.58 19.20
CA CYS C 198 -37.58 1.97 18.78
C CYS C 198 -36.59 2.81 19.57
N GLY C 199 -36.65 4.13 19.35
CA GLY C 199 -35.87 5.05 20.13
C GLY C 199 -36.72 6.02 20.92
N PRO C 200 -36.06 6.95 21.60
CA PRO C 200 -36.79 7.95 22.39
C PRO C 200 -37.68 8.89 21.59
N LYS C 201 -38.72 9.38 22.28
CA LYS C 201 -39.63 10.45 21.84
C LYS C 201 -40.40 10.05 20.59
N GLU D 1 5.83 -43.54 4.57
CA GLU D 1 5.48 -43.01 5.91
C GLU D 1 4.71 -41.70 5.73
N VAL D 2 4.95 -40.73 6.62
CA VAL D 2 4.33 -39.39 6.44
C VAL D 2 5.37 -38.60 5.68
N GLN D 3 5.07 -38.21 4.45
CA GLN D 3 6.11 -37.56 3.63
C GLN D 3 5.55 -36.43 2.78
N LEU D 4 6.36 -35.40 2.53
CA LEU D 4 5.96 -34.35 1.56
C LEU D 4 6.98 -34.42 0.44
N VAL D 5 6.54 -34.63 -0.81
CA VAL D 5 7.49 -34.84 -1.93
C VAL D 5 7.36 -33.66 -2.89
N GLU D 6 8.48 -33.02 -3.20
CA GLU D 6 8.43 -31.84 -4.03
C GLU D 6 8.99 -32.10 -5.42
N SER D 7 8.25 -31.66 -6.43
CA SER D 7 8.76 -31.52 -7.77
C SER D 7 8.39 -30.12 -8.24
N GLY D 8 9.15 -29.59 -9.18
CA GLY D 8 8.63 -28.40 -9.81
C GLY D 8 9.67 -27.60 -10.53
N GLY D 9 10.83 -27.45 -9.90
CA GLY D 9 11.76 -26.39 -10.27
C GLY D 9 12.64 -26.73 -11.44
N GLY D 10 13.84 -26.14 -11.41
CA GLY D 10 14.77 -26.18 -12.49
C GLY D 10 15.01 -24.78 -13.01
N LEU D 11 15.45 -24.68 -14.26
CA LEU D 11 16.11 -23.49 -14.76
C LEU D 11 15.15 -22.72 -15.66
N ILE D 12 14.92 -21.44 -15.35
CA ILE D 12 13.96 -20.68 -16.13
C ILE D 12 14.39 -19.23 -16.24
N GLN D 13 14.09 -18.65 -17.41
CA GLN D 13 14.48 -17.30 -17.70
C GLN D 13 13.64 -16.31 -16.88
N PRO D 14 14.19 -15.12 -16.61
CA PRO D 14 13.37 -14.08 -16.00
C PRO D 14 12.15 -13.76 -16.85
N GLY D 15 11.16 -13.15 -16.23
CA GLY D 15 9.87 -13.08 -16.86
C GLY D 15 9.16 -14.41 -17.04
N GLY D 16 9.80 -15.52 -16.65
CA GLY D 16 9.29 -16.87 -16.85
C GLY D 16 8.07 -17.23 -16.04
N SER D 17 7.83 -18.53 -15.86
CA SER D 17 6.73 -19.09 -15.06
C SER D 17 6.87 -20.58 -14.75
N LEU D 18 6.86 -20.95 -13.48
CA LEU D 18 7.05 -22.32 -13.05
C LEU D 18 5.74 -22.82 -12.44
N ARG D 19 5.62 -24.12 -12.19
CA ARG D 19 4.55 -24.60 -11.30
C ARG D 19 5.09 -25.69 -10.38
N LEU D 20 5.23 -25.40 -9.09
CA LEU D 20 5.80 -26.32 -8.11
C LEU D 20 4.72 -27.18 -7.46
N SER D 21 5.12 -28.39 -7.03
CA SER D 21 4.21 -29.44 -6.56
C SER D 21 4.64 -29.96 -5.20
N CYS D 22 3.66 -30.13 -4.32
CA CYS D 22 3.83 -30.69 -2.99
C CYS D 22 2.88 -31.88 -2.88
N ALA D 23 3.38 -33.06 -3.21
CA ALA D 23 2.60 -34.29 -3.18
C ALA D 23 2.66 -34.89 -1.78
N ALA D 24 1.55 -35.49 -1.35
CA ALA D 24 1.29 -35.74 0.06
C ALA D 24 0.92 -37.18 0.34
N SER D 25 1.42 -37.71 1.46
CA SER D 25 1.30 -39.10 1.86
C SER D 25 0.93 -39.16 3.33
N GLY D 26 -0.22 -39.73 3.66
CA GLY D 26 -0.64 -39.80 5.06
C GLY D 26 -0.72 -38.45 5.78
N ILE D 27 -1.04 -37.37 5.06
CA ILE D 27 -1.45 -36.06 5.55
C ILE D 27 -2.31 -35.43 4.49
N THR D 28 -3.52 -35.03 4.82
CA THR D 28 -4.39 -34.41 3.82
C THR D 28 -4.21 -32.90 3.81
N VAL D 29 -3.80 -32.36 2.66
CA VAL D 29 -3.58 -30.93 2.56
C VAL D 29 -4.87 -30.14 2.50
N VAL D 30 -5.98 -30.76 2.13
CA VAL D 30 -7.24 -30.06 2.15
C VAL D 30 -7.60 -29.74 3.57
N ARG D 31 -7.00 -30.44 4.53
CA ARG D 31 -7.39 -30.32 5.93
C ARG D 31 -6.44 -29.46 6.75
N ASN D 32 -5.23 -29.20 6.28
CA ASN D 32 -4.22 -28.54 7.09
C ASN D 32 -3.92 -27.11 6.62
N TYR D 33 -3.38 -26.36 7.55
CA TYR D 33 -2.53 -25.24 7.18
C TYR D 33 -1.29 -25.74 6.46
N MET D 34 -1.09 -25.29 5.22
CA MET D 34 0.11 -25.61 4.45
C MET D 34 0.87 -24.33 4.08
N THR D 35 2.17 -24.29 4.40
CA THR D 35 3.02 -23.17 3.96
C THR D 35 4.19 -23.62 3.10
N TRP D 36 4.70 -22.66 2.36
CA TRP D 36 5.85 -22.82 1.49
C TRP D 36 6.98 -21.92 2.00
N VAL D 37 8.22 -22.44 2.01
CA VAL D 37 9.34 -21.74 2.64
C VAL D 37 10.57 -21.94 1.76
N ARG D 38 11.17 -20.84 1.29
CA ARG D 38 12.30 -20.85 0.36
C ARG D 38 13.60 -20.46 1.05
N GLN D 39 14.72 -20.92 0.52
CA GLN D 39 16.06 -20.61 1.04
C GLN D 39 16.95 -20.20 -0.14
N ALA D 40 17.19 -18.90 -0.30
CA ALA D 40 18.03 -18.46 -1.42
C ALA D 40 19.48 -18.88 -1.16
N PRO D 41 20.26 -19.12 -2.22
CA PRO D 41 21.52 -19.85 -2.04
C PRO D 41 22.41 -19.19 -0.99
N GLY D 42 22.90 -19.99 -0.06
CA GLY D 42 23.81 -19.51 0.97
C GLY D 42 23.22 -18.65 2.08
N LYS D 43 22.02 -18.09 1.86
CA LYS D 43 21.30 -17.26 2.82
C LYS D 43 20.43 -18.15 3.69
N GLY D 44 19.61 -17.55 4.57
CA GLY D 44 18.72 -18.28 5.45
C GLY D 44 17.33 -18.46 4.87
N LEU D 45 16.37 -18.80 5.75
CA LEU D 45 15.02 -19.18 5.28
C LEU D 45 14.08 -18.00 5.27
N GLU D 46 13.13 -18.03 4.34
CA GLU D 46 12.17 -16.95 4.12
C GLU D 46 10.79 -17.53 3.95
N TRP D 47 9.80 -16.91 4.60
CA TRP D 47 8.44 -17.38 4.45
C TRP D 47 7.87 -16.91 3.10
N VAL D 48 6.92 -17.70 2.55
CA VAL D 48 6.45 -17.37 1.20
C VAL D 48 4.94 -17.27 1.13
N SER D 49 4.23 -18.35 1.44
CA SER D 49 2.77 -18.30 1.39
C SER D 49 2.19 -19.33 2.35
N VAL D 50 0.87 -19.22 2.59
CA VAL D 50 0.16 -20.21 3.44
C VAL D 50 -1.24 -20.43 2.86
N ILE D 51 -1.70 -21.67 2.84
CA ILE D 51 -3.11 -21.91 2.42
C ILE D 51 -3.82 -22.49 3.66
N TYR D 52 -4.91 -21.85 4.04
CA TYR D 52 -5.69 -22.34 5.20
C TYR D 52 -6.54 -23.51 4.73
N SER D 53 -7.05 -24.31 5.65
CA SER D 53 -7.83 -25.51 5.26
C SER D 53 -9.02 -25.07 4.43
N GLY D 54 -9.57 -23.89 4.71
CA GLY D 54 -10.77 -23.42 4.00
C GLY D 54 -10.46 -22.61 2.77
N GLY D 55 -9.18 -22.47 2.41
CA GLY D 55 -8.84 -21.80 1.14
C GLY D 55 -8.49 -20.34 1.27
N THR D 56 -8.37 -19.82 2.48
CA THR D 56 -7.90 -18.43 2.64
C THR D 56 -6.38 -18.45 2.54
N THR D 57 -5.81 -17.55 1.73
CA THR D 57 -4.38 -17.60 1.51
C THR D 57 -3.69 -16.28 1.83
N TYR D 58 -2.41 -16.39 2.21
CA TYR D 58 -1.54 -15.26 2.54
C TYR D 58 -0.21 -15.40 1.80
N TYR D 59 0.40 -14.25 1.47
CA TYR D 59 1.63 -14.23 0.67
C TYR D 59 2.56 -13.13 1.18
N ALA D 60 3.86 -13.39 1.09
CA ALA D 60 4.90 -12.45 1.51
C ALA D 60 4.99 -11.28 0.54
N ASP D 61 5.48 -10.13 1.02
CA ASP D 61 5.45 -8.94 0.19
C ASP D 61 6.19 -9.14 -1.13
N SER D 62 7.42 -9.66 -1.07
CA SER D 62 8.22 -9.86 -2.28
C SER D 62 7.56 -10.78 -3.32
N VAL D 63 6.39 -11.34 -3.03
CA VAL D 63 5.77 -12.25 -4.01
C VAL D 63 4.29 -11.95 -4.30
N LYS D 64 3.64 -11.06 -3.53
CA LYS D 64 2.24 -10.74 -3.79
C LYS D 64 2.01 -10.41 -5.26
N GLY D 65 0.91 -10.89 -5.79
CA GLY D 65 0.56 -10.63 -7.18
C GLY D 65 1.23 -11.51 -8.23
N ARG D 66 2.28 -12.24 -7.86
CA ARG D 66 2.99 -13.10 -8.78
C ARG D 66 2.92 -14.59 -8.44
N PHE D 67 2.79 -14.93 -7.16
CA PHE D 67 2.67 -16.31 -6.72
C PHE D 67 1.23 -16.66 -6.32
N THR D 68 0.88 -17.93 -6.49
CA THR D 68 -0.50 -18.34 -6.31
C THR D 68 -0.51 -19.81 -5.94
N ILE D 69 -1.30 -20.15 -4.93
CA ILE D 69 -1.24 -21.46 -4.31
C ILE D 69 -2.60 -22.11 -4.41
N SER D 70 -2.59 -23.42 -4.62
CA SER D 70 -3.73 -24.16 -5.17
C SER D 70 -3.53 -25.61 -4.78
N ARG D 71 -4.62 -26.36 -4.73
CA ARG D 71 -4.51 -27.72 -4.23
C ARG D 71 -5.44 -28.64 -5.00
N ASP D 72 -5.04 -29.92 -5.08
CA ASP D 72 -5.87 -31.01 -5.60
C ASP D 72 -5.89 -32.15 -4.58
N ASN D 73 -7.08 -32.48 -4.05
CA ASN D 73 -7.08 -33.58 -3.08
C ASN D 73 -7.04 -34.91 -3.77
N SER D 74 -7.57 -34.96 -4.99
CA SER D 74 -7.65 -36.20 -5.75
C SER D 74 -6.27 -36.82 -5.90
N LYS D 75 -5.26 -36.00 -6.22
CA LYS D 75 -3.86 -36.39 -6.14
C LYS D 75 -3.24 -36.06 -4.78
N ASN D 76 -3.98 -35.40 -3.88
CA ASN D 76 -3.47 -34.92 -2.60
C ASN D 76 -2.18 -34.13 -2.77
N THR D 77 -2.31 -32.94 -3.36
CA THR D 77 -1.13 -32.16 -3.69
C THR D 77 -1.42 -30.66 -3.68
N MET D 78 -0.37 -29.89 -3.41
CA MET D 78 -0.45 -28.45 -3.36
C MET D 78 0.47 -27.85 -4.41
N TYR D 79 -0.11 -27.09 -5.32
CA TYR D 79 0.61 -26.45 -6.42
C TYR D 79 0.87 -25.01 -6.04
N LEU D 80 1.95 -24.44 -6.56
CA LEU D 80 2.25 -23.01 -6.41
C LEU D 80 2.68 -22.46 -7.76
N GLN D 81 1.88 -21.58 -8.36
CA GLN D 81 2.16 -21.04 -9.70
C GLN D 81 2.96 -19.75 -9.60
N MET D 82 4.21 -19.75 -10.07
CA MET D 82 5.04 -18.55 -10.04
C MET D 82 5.13 -17.95 -11.43
N ASN D 83 5.07 -16.61 -11.50
CA ASN D 83 5.04 -15.89 -12.75
C ASN D 83 5.98 -14.71 -12.61
N SER D 84 6.38 -14.15 -13.75
CA SER D 84 7.22 -12.96 -13.79
C SER D 84 8.47 -13.16 -12.94
N LEU D 85 9.12 -14.30 -13.14
CA LEU D 85 10.17 -14.72 -12.23
C LEU D 85 11.40 -13.84 -12.36
N ARG D 86 11.97 -13.41 -11.25
CA ARG D 86 13.12 -12.52 -11.24
C ARG D 86 14.32 -13.24 -10.70
N ALA D 87 15.45 -12.55 -10.67
CA ALA D 87 16.66 -13.23 -10.25
C ALA D 87 16.52 -13.71 -8.82
N GLU D 88 16.14 -12.80 -7.92
CA GLU D 88 16.16 -13.10 -6.50
C GLU D 88 15.22 -14.24 -6.12
N ASP D 89 14.30 -14.62 -6.99
CA ASP D 89 13.46 -15.77 -6.67
C ASP D 89 14.25 -17.06 -6.68
N THR D 90 15.36 -17.11 -7.41
CA THR D 90 16.29 -18.22 -7.38
C THR D 90 16.57 -18.64 -5.96
N ALA D 91 16.12 -19.83 -5.60
CA ALA D 91 16.15 -20.35 -4.26
C ALA D 91 15.95 -21.85 -4.33
N ILE D 92 16.05 -22.50 -3.17
CA ILE D 92 15.55 -23.86 -3.01
C ILE D 92 14.23 -23.70 -2.29
N TYR D 93 13.19 -24.38 -2.74
CA TYR D 93 11.86 -24.13 -2.19
C TYR D 93 11.32 -25.35 -1.45
N TYR D 94 11.06 -25.16 -0.17
CA TYR D 94 10.37 -26.14 0.66
C TYR D 94 8.89 -25.79 0.78
N CYS D 95 8.03 -26.82 0.72
CA CYS D 95 6.66 -26.77 1.26
C CYS D 95 6.63 -27.60 2.53
N ALA D 96 5.80 -27.17 3.50
CA ALA D 96 5.64 -27.92 4.76
C ALA D 96 4.32 -27.56 5.41
N ARG D 97 3.86 -28.44 6.33
CA ARG D 97 2.64 -28.18 7.09
C ARG D 97 2.93 -27.64 8.48
N ASP D 98 2.29 -26.52 8.86
CA ASP D 98 2.42 -26.08 10.24
C ASP D 98 1.16 -26.48 11.01
N LEU D 99 1.35 -26.62 12.32
CA LEU D 99 0.27 -26.92 13.25
C LEU D 99 0.04 -25.74 14.17
N GLU D 100 0.57 -24.57 13.83
CA GLU D 100 0.54 -23.40 14.70
C GLU D 100 0.91 -23.75 16.15
N VAL D 101 0.04 -23.48 17.14
CA VAL D 101 0.38 -23.70 18.54
C VAL D 101 0.40 -25.16 18.94
N VAL D 102 -0.02 -26.07 18.06
CA VAL D 102 -0.01 -27.52 18.36
C VAL D 102 1.35 -28.07 17.95
N GLY D 103 2.18 -27.23 17.33
CA GLY D 103 3.50 -27.63 16.82
C GLY D 103 3.71 -26.84 15.56
N ALA D 104 4.94 -26.65 15.08
CA ALA D 104 5.01 -25.82 13.87
C ALA D 104 5.88 -26.49 12.81
N MET D 105 5.36 -26.62 11.60
CA MET D 105 6.21 -27.14 10.52
C MET D 105 6.86 -28.44 10.96
N ASP D 106 6.04 -29.43 11.32
CA ASP D 106 6.58 -30.72 11.83
C ASP D 106 7.04 -31.58 10.65
N VAL D 107 6.32 -31.51 9.53
CA VAL D 107 6.71 -32.31 8.33
C VAL D 107 7.24 -31.35 7.27
N TRP D 108 8.44 -31.61 6.76
CA TRP D 108 9.08 -30.73 5.75
C TRP D 108 9.44 -31.54 4.51
N GLY D 109 9.28 -30.96 3.33
CA GLY D 109 9.66 -31.63 2.07
C GLY D 109 11.14 -31.60 1.79
N GLN D 110 11.62 -32.40 0.85
CA GLN D 110 13.06 -32.51 0.52
C GLN D 110 13.62 -31.19 -0.01
N GLY D 111 12.86 -30.53 -0.88
CA GLY D 111 13.30 -29.27 -1.49
C GLY D 111 13.33 -29.37 -3.00
N THR D 112 12.81 -28.36 -3.69
CA THR D 112 12.91 -28.34 -5.17
C THR D 112 13.69 -27.09 -5.53
N THR D 113 14.76 -27.24 -6.31
CA THR D 113 15.57 -26.06 -6.61
C THR D 113 14.97 -25.28 -7.77
N VAL D 114 15.13 -23.95 -7.73
CA VAL D 114 14.69 -23.06 -8.80
C VAL D 114 15.88 -22.17 -9.09
N THR D 115 16.31 -22.12 -10.35
CA THR D 115 17.27 -21.10 -10.75
C THR D 115 16.65 -20.21 -11.81
N VAL D 116 16.82 -18.91 -11.65
CA VAL D 116 16.27 -17.95 -12.59
C VAL D 116 17.46 -17.28 -13.27
N SER D 117 17.67 -17.63 -14.53
CA SER D 117 18.86 -17.22 -15.25
C SER D 117 18.67 -17.53 -16.71
N SER D 118 19.09 -16.59 -17.53
CA SER D 118 18.94 -16.66 -18.97
C SER D 118 20.04 -17.47 -19.63
N ALA D 119 20.97 -18.05 -18.86
CA ALA D 119 22.13 -18.74 -19.43
C ALA D 119 21.75 -20.07 -20.05
N SER D 120 22.49 -20.43 -21.11
CA SER D 120 22.29 -21.73 -21.73
C SER D 120 23.00 -22.82 -20.95
N THR D 121 22.51 -24.05 -21.13
CA THR D 121 22.99 -25.24 -20.44
C THR D 121 24.25 -25.79 -21.08
N LYS D 122 25.25 -26.13 -20.25
CA LYS D 122 26.55 -26.51 -20.75
C LYS D 122 27.10 -27.66 -19.92
N GLY D 123 27.84 -28.56 -20.56
CA GLY D 123 28.45 -29.66 -19.85
C GLY D 123 29.87 -29.37 -19.40
N PRO D 124 30.40 -30.18 -18.49
CA PRO D 124 31.79 -30.02 -18.07
C PRO D 124 32.83 -30.56 -19.04
N SER D 125 34.01 -29.96 -18.92
CA SER D 125 35.26 -30.49 -19.42
C SER D 125 36.05 -30.96 -18.20
N VAL D 126 36.44 -32.21 -18.17
CA VAL D 126 37.18 -32.73 -17.03
C VAL D 126 38.65 -32.83 -17.40
N PHE D 127 39.53 -32.54 -16.45
CA PHE D 127 40.96 -32.41 -16.69
C PHE D 127 41.72 -33.03 -15.53
N PRO D 128 42.91 -33.49 -15.77
CA PRO D 128 43.59 -34.29 -14.75
C PRO D 128 44.63 -33.55 -13.94
N LEU D 129 44.44 -33.57 -12.61
CA LEU D 129 45.40 -33.02 -11.65
C LEU D 129 46.41 -34.11 -11.29
N ALA D 130 47.60 -34.03 -11.88
CA ALA D 130 48.54 -35.13 -11.83
C ALA D 130 49.38 -35.07 -10.56
N PRO D 131 49.62 -36.23 -9.92
CA PRO D 131 50.56 -36.27 -8.78
C PRO D 131 51.98 -35.90 -9.21
N SER D 132 52.87 -35.74 -8.24
CA SER D 132 54.27 -35.49 -8.60
C SER D 132 55.19 -36.19 -7.62
N SER D 133 56.43 -35.67 -7.56
CA SER D 133 57.53 -36.22 -6.77
C SER D 133 57.84 -35.41 -5.49
N THR D 140 52.87 -40.46 1.01
CA THR D 140 51.54 -39.85 0.82
C THR D 140 51.50 -38.76 -0.24
N ALA D 141 50.88 -39.06 -1.39
CA ALA D 141 50.77 -38.16 -2.51
C ALA D 141 49.33 -37.71 -2.69
N ALA D 142 49.10 -36.76 -3.59
CA ALA D 142 47.77 -36.19 -3.82
C ALA D 142 47.51 -36.06 -5.31
N LEU D 143 46.27 -36.36 -5.74
CA LEU D 143 45.87 -36.21 -7.13
C LEU D 143 44.39 -35.84 -7.19
N GLY D 144 43.89 -35.62 -8.41
CA GLY D 144 42.49 -35.25 -8.53
C GLY D 144 42.06 -34.95 -9.96
N CYS D 145 40.82 -34.50 -10.09
CA CYS D 145 40.26 -34.12 -11.42
C CYS D 145 39.72 -32.70 -11.30
N LEU D 146 39.74 -31.91 -12.37
CA LEU D 146 39.13 -30.56 -12.34
C LEU D 146 37.96 -30.53 -13.31
N VAL D 147 36.79 -30.14 -12.82
CA VAL D 147 35.57 -30.09 -13.64
C VAL D 147 35.38 -28.62 -13.94
N LYS D 148 35.34 -28.23 -15.21
CA LYS D 148 35.34 -26.79 -15.52
C LYS D 148 34.26 -26.41 -16.53
N ASP D 149 33.84 -25.17 -16.48
CA ASP D 149 32.87 -24.63 -17.46
C ASP D 149 31.55 -25.40 -17.51
N TYR D 150 30.92 -25.63 -16.35
CA TYR D 150 29.59 -26.32 -16.29
C TYR D 150 28.49 -25.42 -15.75
N PHE D 151 27.34 -25.38 -16.42
CA PHE D 151 26.14 -24.69 -15.91
C PHE D 151 24.99 -25.57 -16.38
N PRO D 152 23.88 -25.76 -15.65
CA PRO D 152 23.75 -25.34 -14.28
C PRO D 152 24.34 -26.31 -13.27
N GLU D 153 23.91 -26.19 -12.02
CA GLU D 153 24.45 -27.01 -10.98
C GLU D 153 23.46 -28.12 -10.69
N PRO D 154 23.91 -29.25 -10.14
CA PRO D 154 25.24 -29.60 -9.67
C PRO D 154 25.94 -30.59 -10.58
N VAL D 155 27.05 -31.14 -10.13
CA VAL D 155 27.59 -32.37 -10.70
C VAL D 155 27.96 -33.25 -9.52
N THR D 156 28.31 -34.49 -9.83
CA THR D 156 28.66 -35.44 -8.80
C THR D 156 29.97 -36.09 -9.21
N VAL D 157 30.93 -36.15 -8.30
CA VAL D 157 32.21 -36.78 -8.56
C VAL D 157 32.35 -37.97 -7.63
N SER D 158 32.51 -39.16 -8.22
CA SER D 158 32.86 -40.41 -7.58
C SER D 158 34.27 -40.80 -8.01
N TRP D 159 34.88 -41.73 -7.27
CA TRP D 159 36.21 -42.21 -7.62
C TRP D 159 36.20 -43.72 -7.75
N ASN D 160 36.77 -44.23 -8.85
CA ASN D 160 36.75 -45.66 -9.14
C ASN D 160 35.34 -46.22 -9.11
N SER D 161 34.41 -45.50 -9.75
CA SER D 161 32.99 -45.85 -9.81
C SER D 161 32.43 -46.20 -8.43
N GLY D 162 32.73 -45.37 -7.43
CA GLY D 162 32.20 -45.53 -6.09
C GLY D 162 33.00 -46.41 -5.17
N ALA D 163 34.17 -46.91 -5.58
CA ALA D 163 34.90 -47.88 -4.78
C ALA D 163 36.09 -47.27 -4.05
N LEU D 164 36.37 -45.99 -4.25
CA LEU D 164 37.30 -45.24 -3.42
C LEU D 164 36.53 -44.14 -2.73
N THR D 165 36.72 -44.01 -1.44
CA THR D 165 35.87 -43.10 -0.71
C THR D 165 36.68 -42.35 0.35
N SER D 166 37.43 -43.10 1.14
CA SER D 166 38.26 -42.48 2.17
C SER D 166 39.35 -41.63 1.53
N GLY D 167 39.54 -40.44 2.10
CA GLY D 167 40.57 -39.52 1.67
C GLY D 167 40.22 -38.64 0.49
N VAL D 168 38.97 -38.63 0.06
CA VAL D 168 38.51 -37.72 -0.98
C VAL D 168 37.95 -36.47 -0.31
N HIS D 169 38.24 -35.33 -0.93
CA HIS D 169 37.54 -34.07 -0.71
C HIS D 169 37.16 -33.51 -2.08
N THR D 170 35.91 -33.09 -2.21
CA THR D 170 35.32 -32.68 -3.47
C THR D 170 34.65 -31.34 -3.18
N PHE D 171 35.42 -30.25 -3.39
CA PHE D 171 35.08 -28.92 -2.93
C PHE D 171 33.85 -28.40 -3.64
N PRO D 172 33.21 -27.38 -3.09
CA PRO D 172 32.00 -26.86 -3.73
C PRO D 172 32.33 -25.98 -4.92
N ALA D 173 31.34 -25.87 -5.78
CA ALA D 173 31.50 -25.10 -7.00
C ALA D 173 31.61 -23.60 -6.72
N VAL D 174 32.57 -22.96 -7.37
CA VAL D 174 32.62 -21.50 -7.44
C VAL D 174 32.11 -21.09 -8.81
N LEU D 175 31.17 -20.14 -8.85
CA LEU D 175 30.87 -19.43 -10.09
C LEU D 175 32.04 -18.56 -10.50
N GLN D 176 32.22 -18.37 -11.79
CA GLN D 176 33.35 -17.56 -12.25
C GLN D 176 32.80 -16.50 -13.20
N SER D 177 33.68 -15.58 -13.57
CA SER D 177 33.25 -14.42 -14.33
C SER D 177 32.64 -14.81 -15.66
N SER D 178 32.96 -16.02 -16.15
CA SER D 178 32.30 -16.59 -17.32
C SER D 178 30.79 -16.57 -17.17
N GLY D 179 30.33 -16.95 -15.97
CA GLY D 179 28.98 -17.38 -15.71
C GLY D 179 28.90 -18.88 -15.48
N LEU D 180 29.97 -19.60 -15.78
CA LEU D 180 30.00 -21.06 -15.71
C LEU D 180 30.66 -21.51 -14.42
N TYR D 181 30.00 -22.42 -13.71
CA TYR D 181 30.52 -22.97 -12.47
C TYR D 181 31.71 -23.88 -12.73
N SER D 182 32.56 -24.06 -11.71
CA SER D 182 33.77 -24.85 -11.85
C SER D 182 34.28 -25.36 -10.51
N LEU D 183 34.67 -26.64 -10.51
CA LEU D 183 34.83 -27.46 -9.31
C LEU D 183 36.08 -28.30 -9.46
N SER D 184 36.80 -28.50 -8.37
CA SER D 184 37.91 -29.45 -8.32
C SER D 184 37.46 -30.63 -7.50
N SER D 185 38.30 -31.66 -7.46
CA SER D 185 38.08 -32.79 -6.58
C SER D 185 39.38 -33.56 -6.46
N VAL D 186 39.76 -33.89 -5.22
CA VAL D 186 41.05 -34.49 -4.94
C VAL D 186 40.86 -35.63 -3.96
N VAL D 187 41.83 -36.53 -3.96
CA VAL D 187 41.90 -37.61 -2.99
C VAL D 187 43.36 -37.73 -2.60
N THR D 188 43.64 -38.12 -1.38
CA THR D 188 45.02 -38.28 -0.96
C THR D 188 45.31 -39.77 -0.97
N VAL D 189 46.48 -40.14 -1.47
CA VAL D 189 46.72 -41.52 -1.90
C VAL D 189 48.10 -42.00 -1.42
N PRO D 190 48.22 -43.26 -1.02
CA PRO D 190 49.55 -43.78 -0.65
C PRO D 190 50.54 -43.62 -1.79
N SER D 191 51.63 -42.93 -1.49
CA SER D 191 52.67 -42.65 -2.46
C SER D 191 53.18 -43.92 -3.17
N SER D 192 53.41 -45.00 -2.42
CA SER D 192 53.93 -46.23 -3.04
C SER D 192 53.02 -46.73 -4.15
N SER D 193 51.75 -46.97 -3.83
CA SER D 193 50.78 -47.47 -4.80
C SER D 193 50.40 -46.39 -5.81
N LEU D 194 51.10 -46.34 -6.94
CA LEU D 194 50.79 -45.37 -7.99
C LEU D 194 50.74 -46.11 -9.32
N GLY D 195 51.88 -46.68 -9.71
CA GLY D 195 51.90 -47.55 -10.88
C GLY D 195 51.07 -48.80 -10.73
N THR D 196 50.77 -49.19 -9.49
CA THR D 196 49.94 -50.38 -9.24
C THR D 196 48.46 -50.09 -9.42
N GLN D 197 47.90 -49.23 -8.57
CA GLN D 197 46.48 -48.90 -8.62
C GLN D 197 46.21 -47.77 -9.61
N THR D 198 45.08 -47.84 -10.28
CA THR D 198 44.71 -46.93 -11.36
C THR D 198 43.43 -46.22 -10.97
N TYR D 199 43.47 -44.87 -10.98
CA TYR D 199 42.44 -44.01 -10.40
C TYR D 199 41.63 -43.29 -11.48
N ILE D 200 40.34 -43.58 -11.55
CA ILE D 200 39.43 -43.01 -12.53
C ILE D 200 38.41 -42.19 -11.76
N CYS D 201 38.16 -40.97 -12.20
CA CYS D 201 37.15 -40.15 -11.56
C CYS D 201 35.95 -40.01 -12.49
N ASN D 202 34.76 -40.16 -11.93
CA ASN D 202 33.56 -40.37 -12.72
C ASN D 202 32.62 -39.21 -12.49
N VAL D 203 32.62 -38.29 -13.43
CA VAL D 203 31.88 -37.04 -13.31
C VAL D 203 30.53 -37.24 -13.98
N ASN D 204 29.47 -36.78 -13.33
CA ASN D 204 28.13 -36.90 -13.88
C ASN D 204 27.42 -35.56 -13.77
N HIS D 205 27.19 -34.91 -14.90
CA HIS D 205 26.38 -33.70 -14.96
C HIS D 205 25.03 -34.09 -15.55
N LYS D 206 23.95 -33.98 -14.77
CA LYS D 206 22.71 -34.50 -15.32
C LYS D 206 22.06 -33.53 -16.32
N PRO D 207 21.99 -32.22 -16.05
CA PRO D 207 21.34 -31.30 -17.03
C PRO D 207 21.92 -31.36 -18.46
N SER D 208 23.01 -32.06 -18.68
CA SER D 208 23.62 -32.19 -19.98
C SER D 208 23.85 -33.64 -20.38
N ASN D 209 23.43 -34.57 -19.51
CA ASN D 209 23.53 -36.03 -19.73
C ASN D 209 24.96 -36.48 -20.01
N THR D 210 25.91 -35.71 -19.50
CA THR D 210 27.33 -35.96 -19.72
C THR D 210 27.81 -36.96 -18.67
N LYS D 211 28.33 -38.07 -19.11
CA LYS D 211 29.11 -38.95 -18.25
C LYS D 211 30.54 -38.88 -18.77
N VAL D 212 31.43 -38.27 -18.01
CA VAL D 212 32.85 -38.30 -18.36
C VAL D 212 33.52 -39.27 -17.41
N ASP D 213 34.47 -40.04 -17.93
CA ASP D 213 35.36 -40.86 -17.13
C ASP D 213 36.77 -40.47 -17.51
N LYS D 214 37.55 -39.96 -16.56
CA LYS D 214 38.90 -39.55 -16.88
C LYS D 214 39.87 -40.21 -15.91
N ARG D 215 40.97 -40.73 -16.42
CA ARG D 215 41.91 -41.41 -15.56
C ARG D 215 43.04 -40.46 -15.21
N VAL D 216 43.56 -40.60 -14.00
CA VAL D 216 44.66 -39.77 -13.50
C VAL D 216 45.92 -40.63 -13.40
N GLU D 217 47.02 -40.13 -13.93
CA GLU D 217 48.26 -40.88 -13.88
C GLU D 217 49.44 -39.94 -13.75
N PRO D 218 50.46 -40.29 -12.97
CA PRO D 218 51.65 -39.44 -12.86
C PRO D 218 52.29 -39.27 -14.24
N LYS D 219 52.68 -38.03 -14.55
CA LYS D 219 53.26 -37.73 -15.85
C LYS D 219 54.76 -37.99 -15.84
N SER D 220 55.27 -38.41 -17.00
CA SER D 220 56.71 -38.56 -17.23
C SER D 220 57.51 -37.37 -16.65
N GLU E 1 5.91 -5.58 11.01
CA GLU E 1 6.50 -6.90 10.82
C GLU E 1 7.67 -7.18 11.78
N ILE E 2 7.55 -8.31 12.50
CA ILE E 2 8.42 -8.65 13.63
C ILE E 2 9.73 -9.20 13.10
N VAL E 3 10.82 -8.88 13.78
CA VAL E 3 12.15 -9.02 13.17
C VAL E 3 13.05 -9.69 14.22
N LEU E 4 13.23 -11.00 14.08
CA LEU E 4 14.09 -11.78 14.97
C LEU E 4 15.53 -11.71 14.55
N THR E 5 16.42 -11.52 15.55
CA THR E 5 17.85 -11.36 15.40
C THR E 5 18.60 -12.33 16.29
N GLN E 6 19.47 -13.14 15.71
CA GLN E 6 20.17 -14.11 16.55
C GLN E 6 21.57 -13.62 16.91
N SER E 7 22.14 -14.26 17.92
CA SER E 7 23.49 -14.01 18.41
C SER E 7 23.89 -15.25 19.19
N PRO E 8 25.08 -15.78 18.98
CA PRO E 8 26.00 -15.18 18.02
C PRO E 8 25.81 -15.71 16.62
N GLY E 9 26.24 -14.95 15.61
CA GLY E 9 26.31 -15.44 14.26
C GLY E 9 27.03 -16.77 14.19
N THR E 10 28.30 -16.82 14.56
CA THR E 10 29.05 -18.06 14.55
C THR E 10 29.44 -18.42 15.96
N LEU E 11 29.67 -19.72 16.19
CA LEU E 11 30.02 -20.16 17.53
C LEU E 11 30.60 -21.56 17.43
N SER E 12 31.64 -21.85 18.20
CA SER E 12 32.26 -23.17 18.13
C SER E 12 32.68 -23.60 19.53
N LEU E 13 32.05 -24.67 20.02
CA LEU E 13 32.38 -25.33 21.28
C LEU E 13 32.85 -26.76 20.98
N SER E 14 33.27 -27.48 22.01
CA SER E 14 33.66 -28.86 21.77
C SER E 14 32.52 -29.83 22.14
N PRO E 15 32.58 -31.07 21.67
CA PRO E 15 31.59 -32.06 22.11
C PRO E 15 31.44 -32.14 23.62
N GLY E 16 30.20 -32.12 24.06
CA GLY E 16 29.87 -32.18 25.47
C GLY E 16 29.73 -30.85 26.17
N GLU E 17 30.19 -29.75 25.56
CA GLU E 17 30.04 -28.51 26.30
C GLU E 17 28.62 -28.00 26.12
N ARG E 18 28.31 -26.90 26.78
CA ARG E 18 26.96 -26.35 26.78
C ARG E 18 26.95 -25.26 25.71
N ALA E 19 25.84 -25.16 24.96
CA ALA E 19 25.69 -24.15 23.92
C ALA E 19 24.47 -23.29 24.20
N THR E 20 24.62 -21.97 24.16
CA THR E 20 23.50 -21.11 24.52
C THR E 20 23.15 -20.17 23.37
N LEU E 21 22.17 -20.59 22.58
CA LEU E 21 21.76 -19.89 21.37
C LEU E 21 20.65 -18.88 21.68
N SER E 22 20.81 -17.67 21.18
CA SER E 22 19.93 -16.57 21.55
C SER E 22 19.11 -16.16 20.35
N CYS E 23 18.12 -15.28 20.59
CA CYS E 23 17.13 -14.87 19.62
C CYS E 23 16.28 -13.76 20.21
N ARG E 24 16.47 -12.50 19.81
CA ARG E 24 15.71 -11.41 20.39
C ARG E 24 14.81 -10.75 19.36
N ALA E 25 13.59 -10.42 19.74
CA ALA E 25 12.62 -9.90 18.79
C ALA E 25 12.50 -8.39 18.83
N SER E 26 12.20 -7.81 17.68
CA SER E 26 11.97 -6.38 17.54
C SER E 26 10.65 -5.93 18.16
N GLN E 27 9.94 -6.83 18.82
CA GLN E 27 8.64 -6.57 19.40
C GLN E 27 8.37 -7.71 20.37
N SER E 28 7.76 -7.42 21.51
CA SER E 28 7.50 -8.54 22.39
C SER E 28 6.56 -9.53 21.69
N VAL E 29 6.98 -10.79 21.64
CA VAL E 29 6.21 -11.89 21.08
C VAL E 29 5.94 -12.92 22.17
N PRO E 30 4.70 -13.37 22.39
CA PRO E 30 4.42 -14.30 23.50
C PRO E 30 5.11 -15.64 23.35
N SER E 31 5.46 -16.25 24.49
CA SER E 31 6.36 -17.40 24.46
C SER E 31 5.74 -18.55 23.71
N SER E 32 4.42 -18.54 23.61
CA SER E 32 3.71 -19.66 23.02
C SER E 32 3.90 -19.74 21.50
N TYR E 33 4.24 -18.64 20.85
CA TYR E 33 4.18 -18.56 19.41
C TYR E 33 5.62 -18.34 18.93
N LEU E 34 6.47 -19.35 19.09
CA LEU E 34 7.87 -19.23 18.68
C LEU E 34 8.51 -20.61 18.61
N ALA E 35 9.31 -20.86 17.57
CA ALA E 35 9.88 -22.16 17.27
C ALA E 35 11.36 -22.10 16.91
N TRP E 36 12.06 -23.21 17.17
CA TRP E 36 13.48 -23.39 16.89
C TRP E 36 13.67 -24.58 15.95
N TYR E 37 14.35 -24.38 14.83
CA TYR E 37 14.62 -25.40 13.81
C TYR E 37 16.12 -25.65 13.67
N GLN E 38 16.47 -26.84 13.22
CA GLN E 38 17.85 -27.25 12.99
C GLN E 38 17.96 -27.67 11.53
N GLN E 39 18.99 -27.25 10.83
CA GLN E 39 19.16 -27.62 9.43
C GLN E 39 20.61 -28.03 9.20
N LYS E 40 20.81 -29.30 8.78
CA LYS E 40 22.16 -29.76 8.49
C LYS E 40 22.44 -29.54 6.99
N PRO E 41 23.71 -29.45 6.59
CA PRO E 41 24.05 -29.13 5.19
C PRO E 41 23.46 -30.06 4.15
N GLY E 42 22.84 -29.46 3.14
CA GLY E 42 22.20 -30.21 2.09
C GLY E 42 20.84 -30.75 2.46
N GLN E 43 20.49 -30.77 3.73
CA GLN E 43 19.19 -31.30 4.11
C GLN E 43 18.07 -30.26 4.02
N ALA E 44 17.18 -30.29 5.02
CA ALA E 44 16.03 -29.43 5.13
C ALA E 44 15.74 -29.27 6.61
N PRO E 45 15.07 -28.19 7.01
CA PRO E 45 14.96 -27.90 8.44
C PRO E 45 14.22 -29.01 9.19
N ARG E 46 14.70 -29.26 10.42
CA ARG E 46 14.16 -30.21 11.37
C ARG E 46 13.60 -29.41 12.53
N LEU E 47 12.35 -29.64 12.90
CA LEU E 47 11.76 -28.95 14.04
C LEU E 47 12.32 -29.44 15.35
N LEU E 48 12.74 -28.53 16.23
CA LEU E 48 13.39 -28.95 17.50
C LEU E 48 12.47 -28.58 18.67
N ILE E 49 12.11 -27.31 18.76
CA ILE E 49 11.26 -26.84 19.90
C ILE E 49 10.01 -26.15 19.36
N TYR E 50 8.83 -26.63 19.71
CA TYR E 50 7.55 -25.98 19.34
C TYR E 50 7.09 -25.31 20.63
N GLY E 51 6.69 -24.05 20.55
CA GLY E 51 6.44 -23.35 21.82
C GLY E 51 7.81 -22.94 22.27
N ALA E 52 7.94 -22.09 23.27
CA ALA E 52 9.33 -21.75 23.61
C ALA E 52 10.08 -22.96 24.14
N SER E 53 9.43 -23.84 24.93
CA SER E 53 10.17 -24.93 25.61
C SER E 53 9.74 -26.35 25.28
N SER E 54 8.84 -26.57 24.33
CA SER E 54 8.34 -27.95 24.14
C SER E 54 9.10 -28.76 23.07
N ARG E 55 9.78 -29.84 23.47
CA ARG E 55 10.45 -30.72 22.52
C ARG E 55 9.43 -31.28 21.51
N ALA E 56 9.68 -31.04 20.22
CA ALA E 56 8.95 -31.74 19.17
C ALA E 56 9.31 -33.19 19.23
N THR E 57 8.44 -34.00 18.67
CA THR E 57 8.41 -35.42 19.01
C THR E 57 9.58 -36.15 18.37
N GLY E 58 10.39 -36.82 19.21
CA GLY E 58 11.66 -37.40 18.81
C GLY E 58 12.90 -36.60 19.21
N ILE E 59 12.73 -35.44 19.83
CA ILE E 59 13.88 -34.57 20.11
C ILE E 59 14.45 -34.98 21.45
N PRO E 60 15.76 -35.24 21.54
CA PRO E 60 16.33 -35.71 22.80
C PRO E 60 16.22 -34.69 23.92
N ASP E 61 16.29 -35.22 25.14
CA ASP E 61 16.01 -34.40 26.31
C ASP E 61 17.07 -33.34 26.53
N ARG E 62 18.11 -33.31 25.71
CA ARG E 62 19.18 -32.36 25.87
C ARG E 62 18.90 -31.02 25.19
N PHE E 63 17.92 -30.93 24.31
CA PHE E 63 17.57 -29.64 23.71
C PHE E 63 16.46 -29.08 24.60
N SER E 64 16.62 -27.82 24.97
CA SER E 64 15.65 -27.14 25.80
C SER E 64 15.51 -25.70 25.34
N GLY E 65 14.30 -25.18 25.42
CA GLY E 65 14.01 -23.81 25.07
C GLY E 65 13.55 -23.02 26.29
N SER E 66 13.84 -21.73 26.30
CA SER E 66 13.48 -20.89 27.42
C SER E 66 13.32 -19.46 26.94
N GLY E 67 12.80 -18.59 27.80
CA GLY E 67 12.70 -17.18 27.51
C GLY E 67 11.26 -16.69 27.41
N SER E 68 11.16 -15.36 27.29
CA SER E 68 9.90 -14.65 27.16
C SER E 68 10.11 -13.21 26.69
N GLY E 69 9.00 -12.52 26.43
CA GLY E 69 9.07 -11.14 26.00
C GLY E 69 9.76 -10.92 24.67
N THR E 70 10.97 -10.40 24.69
CA THR E 70 11.66 -10.27 23.42
C THR E 70 12.97 -11.02 23.41
N ASP E 71 13.29 -11.77 24.45
CA ASP E 71 14.51 -12.56 24.51
C ASP E 71 14.23 -14.04 24.70
N PHE E 72 14.73 -14.86 23.78
CA PHE E 72 14.51 -16.31 23.83
C PHE E 72 15.81 -17.07 23.66
N THR E 73 15.85 -18.27 24.24
CA THR E 73 17.05 -19.09 24.26
C THR E 73 16.78 -20.54 23.87
N LEU E 74 17.73 -21.12 23.14
CA LEU E 74 17.76 -22.55 22.83
C LEU E 74 19.04 -23.07 23.46
N THR E 75 18.95 -24.18 24.18
CA THR E 75 20.15 -24.65 24.93
C THR E 75 20.41 -26.13 24.70
N ILE E 76 21.64 -26.48 24.32
CA ILE E 76 22.00 -27.91 24.21
C ILE E 76 22.88 -28.20 25.41
N SER E 77 22.39 -29.01 26.35
CA SER E 77 23.12 -29.25 27.62
C SER E 77 24.44 -29.98 27.36
N ARG E 78 24.41 -31.00 26.51
CA ARG E 78 25.65 -31.73 26.14
C ARG E 78 25.69 -31.82 24.62
N LEU E 79 26.81 -31.51 24.00
CA LEU E 79 26.87 -31.49 22.53
C LEU E 79 27.32 -32.86 22.04
N GLU E 80 26.61 -33.42 21.07
CA GLU E 80 27.01 -34.72 20.48
C GLU E 80 27.26 -34.46 19.00
N PRO E 81 28.17 -35.19 18.33
CA PRO E 81 28.40 -35.00 16.91
C PRO E 81 27.20 -34.56 16.06
N GLU E 82 26.10 -35.30 16.09
CA GLU E 82 24.98 -34.99 15.20
C GLU E 82 24.35 -33.64 15.53
N ASP E 83 24.83 -32.94 16.55
CA ASP E 83 24.23 -31.66 16.95
C ASP E 83 24.98 -30.46 16.42
N PHE E 84 25.84 -30.65 15.43
CA PHE E 84 26.59 -29.57 14.81
C PHE E 84 26.03 -29.27 13.42
N ALA E 85 25.51 -28.06 13.25
CA ALA E 85 24.62 -27.71 12.15
C ALA E 85 24.24 -26.25 12.32
N VAL E 86 23.36 -25.72 11.47
CA VAL E 86 22.85 -24.36 11.66
C VAL E 86 21.44 -24.42 12.20
N TYR E 87 21.16 -23.58 13.23
CA TYR E 87 19.89 -23.53 13.94
C TYR E 87 19.19 -22.19 13.67
N TYR E 88 17.88 -22.21 13.38
CA TYR E 88 17.08 -21.03 13.06
C TYR E 88 15.92 -20.92 14.05
N CYS E 89 15.53 -19.69 14.38
CA CYS E 89 14.31 -19.39 15.15
C CYS E 89 13.26 -18.74 14.27
N GLN E 90 11.99 -19.03 14.54
CA GLN E 90 10.87 -18.56 13.73
C GLN E 90 9.75 -18.08 14.64
N GLN E 91 9.14 -16.96 14.28
CA GLN E 91 7.98 -16.45 14.98
C GLN E 91 6.75 -16.83 14.17
N TYR E 92 5.67 -17.24 14.85
CA TYR E 92 4.36 -17.47 14.21
C TYR E 92 3.21 -16.80 14.95
N GLY E 93 3.37 -15.54 15.35
CA GLY E 93 2.32 -14.81 16.05
C GLY E 93 1.42 -14.09 15.07
N SER E 94 2.01 -13.47 14.07
CA SER E 94 1.25 -13.03 12.93
C SER E 94 1.23 -14.17 11.92
N PRO E 95 0.38 -14.09 10.89
CA PRO E 95 0.49 -15.11 9.82
C PRO E 95 1.66 -14.83 8.88
N MET E 96 2.12 -13.59 8.80
CA MET E 96 3.40 -13.24 8.20
C MET E 96 4.56 -13.77 9.04
N TYR E 97 4.93 -15.03 8.84
CA TYR E 97 5.99 -15.72 9.57
C TYR E 97 7.36 -15.08 9.27
N THR E 98 8.29 -15.14 10.23
CA THR E 98 9.61 -14.57 9.97
C THR E 98 10.71 -15.42 10.59
N PHE E 99 11.83 -15.59 9.92
CA PHE E 99 12.90 -16.37 10.53
C PHE E 99 14.03 -15.55 11.12
N GLY E 100 14.85 -16.23 11.94
CA GLY E 100 16.08 -15.63 12.38
C GLY E 100 17.13 -15.77 11.33
N GLN E 101 18.24 -15.13 11.58
CA GLN E 101 19.37 -15.22 10.66
C GLN E 101 20.12 -16.52 10.74
N GLY E 102 20.05 -17.22 11.87
CA GLY E 102 20.78 -18.46 11.94
C GLY E 102 22.09 -18.41 12.67
N THR E 103 22.38 -19.47 13.41
CA THR E 103 23.63 -19.61 14.16
C THR E 103 24.32 -20.86 13.66
N LYS E 104 25.53 -20.70 13.14
CA LYS E 104 26.32 -21.85 12.68
C LYS E 104 27.07 -22.40 13.88
N LEU E 105 26.89 -23.69 14.19
CA LEU E 105 27.60 -24.34 15.27
C LEU E 105 28.72 -25.19 14.68
N GLU E 106 29.97 -24.91 15.06
CA GLU E 106 31.04 -25.75 14.54
C GLU E 106 31.76 -26.49 15.66
N ILE E 107 32.59 -27.45 15.29
CA ILE E 107 33.38 -28.23 16.22
C ILE E 107 34.71 -27.54 16.47
N LYS E 108 35.12 -27.46 17.74
CA LYS E 108 36.44 -26.97 18.07
C LYS E 108 37.43 -28.13 18.16
N ARG E 109 38.57 -28.02 17.49
CA ARG E 109 39.56 -29.08 17.63
C ARG E 109 40.96 -28.44 17.79
N THR E 110 41.96 -29.30 17.91
CA THR E 110 43.35 -28.87 18.00
C THR E 110 43.81 -28.27 16.69
N VAL E 111 44.74 -27.31 16.79
CA VAL E 111 45.28 -26.67 15.60
C VAL E 111 45.99 -27.73 14.76
N ALA E 112 45.68 -27.77 13.47
CA ALA E 112 46.27 -28.76 12.58
C ALA E 112 46.81 -28.05 11.35
N ALA E 113 48.10 -28.25 11.07
CA ALA E 113 48.73 -27.61 9.92
C ALA E 113 48.30 -28.30 8.61
N PRO E 114 48.27 -27.55 7.51
CA PRO E 114 47.86 -28.14 6.24
C PRO E 114 48.99 -28.79 5.46
N SER E 115 48.64 -29.87 4.77
CA SER E 115 49.47 -30.52 3.76
C SER E 115 49.23 -29.78 2.45
N VAL E 116 50.24 -29.14 1.91
CA VAL E 116 50.10 -28.28 0.74
C VAL E 116 50.53 -29.00 -0.54
N PHE E 117 49.69 -28.92 -1.58
CA PHE E 117 50.03 -29.47 -2.90
C PHE E 117 49.71 -28.47 -4.01
N ILE E 118 50.41 -28.58 -5.13
CA ILE E 118 50.18 -27.68 -6.28
C ILE E 118 50.21 -28.48 -7.57
N PHE E 119 49.25 -28.23 -8.45
CA PHE E 119 49.10 -28.97 -9.69
C PHE E 119 49.18 -28.04 -10.90
N PRO E 120 49.97 -28.37 -11.91
CA PRO E 120 50.03 -27.53 -13.10
C PRO E 120 48.91 -27.89 -14.07
N PRO E 121 48.63 -27.03 -15.03
CA PRO E 121 47.55 -27.32 -15.99
C PRO E 121 47.96 -28.43 -16.90
N SER E 122 46.98 -29.29 -17.23
CA SER E 122 47.20 -30.40 -18.14
C SER E 122 47.46 -29.93 -19.57
N ASP E 123 48.21 -30.74 -20.31
CA ASP E 123 48.39 -30.40 -21.71
C ASP E 123 47.07 -30.51 -22.48
N GLU E 124 46.15 -31.38 -22.04
CA GLU E 124 44.83 -31.40 -22.66
C GLU E 124 44.18 -30.02 -22.55
N GLN E 125 44.21 -29.42 -21.35
CA GLN E 125 43.64 -28.08 -21.14
C GLN E 125 44.40 -26.97 -21.86
N LEU E 126 45.73 -27.06 -21.96
CA LEU E 126 46.44 -26.00 -22.68
C LEU E 126 46.08 -25.97 -24.16
N LYS E 127 45.69 -27.11 -24.73
CA LYS E 127 45.26 -27.13 -26.12
C LYS E 127 44.00 -26.32 -26.34
N SER E 128 43.21 -26.12 -25.30
CA SER E 128 41.98 -25.36 -25.41
C SER E 128 42.25 -23.87 -25.47
N GLY E 129 43.20 -23.37 -24.68
CA GLY E 129 43.52 -21.96 -24.71
C GLY E 129 43.73 -21.35 -23.34
N THR E 130 43.25 -22.02 -22.28
CA THR E 130 43.40 -21.52 -20.92
C THR E 130 44.26 -22.50 -20.09
N ALA E 131 44.64 -22.08 -18.88
CA ALA E 131 45.50 -22.86 -17.99
C ALA E 131 45.03 -22.61 -16.57
N SER E 132 44.75 -23.66 -15.79
CA SER E 132 44.33 -23.53 -14.40
C SER E 132 45.37 -24.13 -13.48
N VAL E 133 45.96 -23.32 -12.61
CA VAL E 133 46.87 -23.85 -11.61
C VAL E 133 46.12 -23.97 -10.28
N VAL E 134 46.13 -25.18 -9.76
CA VAL E 134 45.36 -25.55 -8.59
C VAL E 134 46.33 -25.79 -7.46
N CYS E 135 45.96 -25.29 -6.29
CA CYS E 135 46.69 -25.48 -5.06
C CYS E 135 45.75 -26.13 -4.09
N LEU E 136 46.23 -27.18 -3.41
CA LEU E 136 45.40 -27.97 -2.49
C LEU E 136 45.97 -27.82 -1.09
N LEU E 137 45.08 -27.53 -0.13
CA LEU E 137 45.39 -27.45 1.31
C LEU E 137 44.47 -28.47 1.98
N ASN E 138 45.00 -29.63 2.37
CA ASN E 138 44.16 -30.75 2.79
C ASN E 138 44.28 -30.91 4.30
N ASN E 139 43.12 -31.04 4.96
CA ASN E 139 42.99 -31.49 6.35
C ASN E 139 43.75 -30.61 7.36
N PHE E 140 43.31 -29.35 7.45
CA PHE E 140 43.88 -28.41 8.39
C PHE E 140 42.81 -27.83 9.31
N TYR E 141 43.27 -27.11 10.34
CA TYR E 141 42.33 -26.45 11.22
C TYR E 141 43.07 -25.38 12.00
N PRO E 142 42.49 -24.19 12.24
CA PRO E 142 41.15 -23.70 11.86
C PRO E 142 41.05 -23.33 10.41
N ARG E 143 39.88 -22.82 9.99
CA ARG E 143 39.64 -22.55 8.58
C ARG E 143 40.50 -21.38 8.06
N GLU E 144 40.91 -20.50 8.94
CA GLU E 144 41.63 -19.31 8.53
C GLU E 144 43.00 -19.69 7.95
N ALA E 145 43.24 -19.27 6.72
CA ALA E 145 44.49 -19.50 6.02
C ALA E 145 44.55 -18.50 4.89
N LYS E 146 45.72 -17.99 4.60
CA LYS E 146 45.86 -17.01 3.54
C LYS E 146 46.75 -17.66 2.50
N VAL E 147 46.23 -17.86 1.29
CA VAL E 147 47.01 -18.38 0.16
C VAL E 147 47.29 -17.23 -0.81
N GLN E 148 48.56 -16.99 -1.14
CA GLN E 148 48.95 -15.94 -2.08
C GLN E 148 49.76 -16.54 -3.23
N TRP E 149 49.31 -16.33 -4.47
CA TRP E 149 50.02 -16.87 -5.64
C TRP E 149 51.16 -15.98 -6.11
N LYS E 150 52.23 -16.62 -6.57
CA LYS E 150 53.41 -15.94 -7.06
C LYS E 150 53.79 -16.54 -8.39
N VAL E 151 53.81 -15.69 -9.40
CA VAL E 151 54.24 -15.97 -10.76
C VAL E 151 55.52 -15.20 -11.02
N ASP E 152 56.63 -15.94 -11.07
CA ASP E 152 57.96 -15.35 -11.13
C ASP E 152 58.16 -14.32 -10.01
N ASN E 153 57.84 -14.73 -8.79
CA ASN E 153 57.99 -13.92 -7.58
C ASN E 153 57.20 -12.62 -7.63
N ALA E 154 56.17 -12.51 -8.47
CA ALA E 154 55.25 -11.38 -8.50
C ALA E 154 53.91 -11.82 -7.96
N LEU E 155 53.43 -11.16 -6.92
CA LEU E 155 52.17 -11.55 -6.28
C LEU E 155 50.99 -11.38 -7.23
N GLN E 156 50.13 -12.40 -7.32
CA GLN E 156 48.95 -12.36 -8.17
C GLN E 156 47.69 -11.99 -7.41
N SER E 157 46.87 -11.17 -8.05
CA SER E 157 45.61 -10.71 -7.46
C SER E 157 44.55 -10.43 -8.51
N GLY E 158 43.36 -10.99 -8.29
CA GLY E 158 42.19 -10.79 -9.13
C GLY E 158 41.94 -11.88 -10.15
N ASN E 159 42.75 -12.93 -10.15
CA ASN E 159 42.59 -14.05 -11.07
C ASN E 159 42.64 -15.37 -10.32
N SER E 160 42.43 -15.33 -9.02
CA SER E 160 42.49 -16.51 -8.14
C SER E 160 41.18 -16.53 -7.36
N GLN E 161 40.53 -17.70 -7.40
CA GLN E 161 39.32 -18.13 -6.70
C GLN E 161 39.61 -19.29 -5.77
N GLU E 162 38.96 -19.33 -4.59
CA GLU E 162 39.17 -20.36 -3.58
C GLU E 162 37.85 -20.95 -3.14
N SER E 163 37.91 -22.22 -2.66
CA SER E 163 36.75 -22.85 -2.09
C SER E 163 37.14 -23.63 -0.83
N VAL E 164 36.19 -23.84 0.09
CA VAL E 164 36.50 -24.49 1.36
C VAL E 164 35.48 -25.61 1.60
N THR E 165 35.95 -26.78 2.03
CA THR E 165 34.98 -27.82 2.36
C THR E 165 34.30 -27.56 3.72
N GLU E 166 33.13 -28.17 3.91
CA GLU E 166 32.55 -28.24 5.24
C GLU E 166 33.49 -29.15 6.04
N GLN E 167 33.40 -29.07 7.37
CA GLN E 167 34.29 -29.87 8.22
C GLN E 167 34.05 -31.36 8.01
N ASP E 168 35.10 -32.10 7.71
CA ASP E 168 34.96 -33.55 7.48
C ASP E 168 34.48 -34.24 8.74
N SER E 169 33.42 -35.05 8.62
CA SER E 169 32.80 -35.67 9.80
C SER E 169 33.73 -36.60 10.58
N LYS E 170 34.78 -37.15 9.97
CA LYS E 170 35.63 -38.05 10.73
C LYS E 170 36.55 -37.24 11.66
N ASP E 171 37.37 -36.33 11.08
CA ASP E 171 38.41 -35.57 11.77
C ASP E 171 38.11 -34.08 12.05
N SER E 172 36.96 -33.56 11.65
CA SER E 172 36.59 -32.16 11.94
C SER E 172 37.60 -31.16 11.38
N THR E 173 38.06 -31.37 10.15
CA THR E 173 39.05 -30.53 9.49
C THR E 173 38.51 -29.98 8.18
N TYR E 174 39.13 -28.90 7.74
CA TYR E 174 38.80 -28.25 6.48
C TYR E 174 39.85 -28.55 5.42
N SER E 175 39.46 -28.35 4.17
CA SER E 175 40.35 -28.46 3.04
C SER E 175 40.02 -27.31 2.10
N LEU E 176 41.05 -26.70 1.56
CA LEU E 176 40.89 -25.51 0.73
C LEU E 176 41.48 -25.74 -0.65
N SER E 177 40.80 -25.19 -1.66
CA SER E 177 41.21 -25.29 -3.05
C SER E 177 41.25 -23.90 -3.70
N SER E 178 42.43 -23.50 -4.13
CA SER E 178 42.60 -22.21 -4.79
C SER E 178 43.01 -22.45 -6.24
N THR E 179 42.30 -21.82 -7.17
CA THR E 179 42.57 -21.99 -8.58
C THR E 179 42.96 -20.62 -9.16
N LEU E 180 44.14 -20.57 -9.76
CA LEU E 180 44.61 -19.38 -10.43
C LEU E 180 44.43 -19.63 -11.91
N THR E 181 43.61 -18.81 -12.56
CA THR E 181 43.28 -18.98 -13.96
C THR E 181 43.92 -17.90 -14.84
N LEU E 182 44.49 -18.35 -15.97
CA LEU E 182 45.12 -17.51 -16.96
C LEU E 182 45.22 -18.22 -18.31
N SER E 183 45.29 -17.42 -19.37
CA SER E 183 45.36 -17.87 -20.77
C SER E 183 46.67 -18.57 -21.09
N LYS E 184 46.63 -19.41 -22.12
CA LYS E 184 47.84 -20.11 -22.55
C LYS E 184 48.93 -19.12 -22.95
N ALA E 185 48.53 -17.99 -23.54
CA ALA E 185 49.53 -16.99 -23.89
C ALA E 185 50.23 -16.47 -22.64
N ASP E 186 49.45 -16.07 -21.66
CA ASP E 186 50.02 -15.60 -20.39
C ASP E 186 50.75 -16.69 -19.64
N TYR E 187 50.36 -17.94 -19.83
CA TYR E 187 51.01 -19.00 -19.06
C TYR E 187 52.44 -19.19 -19.54
N GLU E 188 52.64 -19.20 -20.85
CA GLU E 188 53.96 -19.43 -21.43
C GLU E 188 54.91 -18.23 -21.28
N LYS E 189 54.42 -17.10 -20.77
CA LYS E 189 55.29 -15.93 -20.60
C LYS E 189 56.16 -16.01 -19.34
N HIS E 190 55.85 -16.89 -18.41
CA HIS E 190 56.51 -16.92 -17.12
C HIS E 190 57.06 -18.33 -16.86
N LYS E 191 57.91 -18.51 -15.82
CA LYS E 191 58.54 -19.81 -15.60
C LYS E 191 58.19 -20.47 -14.28
N VAL E 192 58.33 -19.77 -13.16
CA VAL E 192 58.17 -20.38 -11.84
C VAL E 192 56.77 -20.03 -11.32
N TYR E 193 55.96 -21.06 -11.05
CA TYR E 193 54.63 -20.91 -10.45
C TYR E 193 54.61 -21.53 -9.06
N ALA E 194 54.22 -20.71 -8.08
CA ALA E 194 54.34 -21.02 -6.66
C ALA E 194 53.06 -20.71 -5.90
N CYS E 195 52.83 -21.46 -4.83
CA CYS E 195 51.71 -21.25 -3.92
C CYS E 195 52.27 -21.07 -2.50
N GLU E 196 52.06 -19.91 -1.89
CA GLU E 196 52.60 -19.63 -0.55
C GLU E 196 51.45 -19.64 0.45
N VAL E 197 51.50 -20.54 1.42
CA VAL E 197 50.43 -20.75 2.39
C VAL E 197 50.89 -20.25 3.75
N THR E 198 50.07 -19.44 4.39
CA THR E 198 50.29 -18.94 5.75
C THR E 198 49.19 -19.43 6.67
N HIS E 199 49.57 -20.13 7.74
CA HIS E 199 48.57 -20.70 8.65
C HIS E 199 49.08 -20.67 10.08
N GLN E 200 48.15 -20.77 11.04
CA GLN E 200 48.51 -20.76 12.46
C GLN E 200 49.40 -21.95 12.83
N GLY E 201 49.11 -23.12 12.29
CA GLY E 201 49.91 -24.33 12.53
C GLY E 201 51.27 -24.32 11.89
N LEU E 202 51.55 -23.31 11.08
CA LEU E 202 52.84 -23.15 10.43
C LEU E 202 53.60 -22.05 11.16
N SER E 203 54.79 -22.38 11.67
CA SER E 203 55.62 -21.36 12.31
C SER E 203 56.04 -20.29 11.31
N SER E 204 56.35 -20.71 10.09
CA SER E 204 56.70 -19.81 9.02
C SER E 204 55.88 -20.21 7.82
N PRO E 205 55.59 -19.30 6.89
CA PRO E 205 54.77 -19.66 5.73
C PRO E 205 55.40 -20.78 4.90
N VAL E 206 54.53 -21.69 4.41
CA VAL E 206 54.96 -22.86 3.64
C VAL E 206 54.66 -22.62 2.16
N THR E 207 55.68 -22.79 1.31
CA THR E 207 55.61 -22.55 -0.14
C THR E 207 55.85 -23.84 -0.93
N LYS E 208 54.98 -24.10 -1.91
CA LYS E 208 55.09 -25.21 -2.85
C LYS E 208 55.01 -24.68 -4.28
N SER E 209 56.00 -24.98 -5.13
CA SER E 209 56.10 -24.37 -6.47
C SER E 209 56.39 -25.41 -7.55
N PHE E 210 56.44 -24.95 -8.80
CA PHE E 210 56.83 -25.81 -9.92
C PHE E 210 57.29 -24.94 -11.08
N ASN E 211 58.00 -25.56 -12.04
CA ASN E 211 58.48 -24.89 -13.24
C ASN E 211 57.72 -25.31 -14.51
N ARG E 212 57.33 -24.32 -15.31
CA ARG E 212 56.60 -24.57 -16.55
C ARG E 212 57.49 -25.40 -17.47
N GLY E 213 57.02 -26.59 -17.82
CA GLY E 213 57.72 -27.49 -18.71
C GLY E 213 58.42 -28.58 -17.94
N GLU E 214 57.91 -28.95 -16.75
CA GLU E 214 58.46 -29.97 -15.85
C GLU E 214 59.94 -29.72 -15.61
N CYS E 215 60.36 -28.49 -15.91
CA CYS E 215 61.72 -27.98 -15.77
C CYS E 215 62.15 -27.79 -14.32
C1 NAG F . -21.52 0.29 31.62
C2 NAG F . -22.58 1.24 31.07
C3 NAG F . -22.07 2.67 31.02
C4 NAG F . -21.48 3.11 32.36
C5 NAG F . -20.46 2.08 32.83
C6 NAG F . -19.98 2.34 34.24
C7 NAG F . -24.16 0.24 29.50
C8 NAG F . -24.43 -0.13 28.09
N2 NAG F . -22.98 0.81 29.74
O3 NAG F . -23.17 3.50 30.66
O4 NAG F . -20.86 4.39 32.25
O5 NAG F . -21.05 0.77 32.85
O6 NAG F . -20.81 1.67 35.18
O7 NAG F . -24.97 0.04 30.39
C1 NAG F . -21.53 5.39 33.09
C2 NAG F . -20.64 6.59 33.50
C3 NAG F . -21.47 7.63 34.27
C4 NAG F . -22.70 8.03 33.48
C5 NAG F . -23.51 6.76 33.16
C6 NAG F . -24.75 7.03 32.34
C7 NAG F . -18.33 5.77 33.74
C8 NAG F . -17.25 5.43 34.73
N2 NAG F . -19.48 6.19 34.28
O3 NAG F . -20.68 8.76 34.61
O4 NAG F . -23.53 8.93 34.23
O5 NAG F . -22.70 5.87 32.38
O6 NAG F . -25.40 5.79 32.03
O7 NAG F . -18.17 5.67 32.53
C1 BMA F . -23.31 10.34 33.92
C2 BMA F . -24.69 11.11 33.73
C3 BMA F . -24.42 12.63 33.47
C4 BMA F . -23.46 13.25 34.56
C5 BMA F . -22.16 12.36 34.65
C6 BMA F . -21.14 12.81 35.69
O2 BMA F . -25.51 11.00 34.88
O3 BMA F . -25.66 13.48 33.10
O4 BMA F . -23.09 14.56 34.20
O5 BMA F . -22.51 10.98 34.93
O6 BMA F . -21.59 12.41 36.99
C1 MAN F . -26.43 14.19 34.12
C2 MAN F . -27.83 13.46 34.32
C3 MAN F . -28.91 13.93 33.30
C4 MAN F . -28.95 15.46 33.07
C5 MAN F . -27.56 15.97 32.74
C6 MAN F . -27.57 17.50 32.58
O2 MAN F . -28.38 13.70 35.62
O3 MAN F . -30.22 13.47 33.68
O4 MAN F . -29.80 15.79 31.98
O5 MAN F . -26.61 15.60 33.82
O6 MAN F . -28.68 17.87 31.74
C1 FUC F . -21.13 2.52 36.30
C2 FUC F . -22.66 3.01 36.26
C3 FUC F . -23.69 1.92 36.66
C4 FUC F . -23.23 1.10 37.88
C5 FUC F . -21.71 0.71 37.76
C6 FUC F . -21.16 0.00 39.00
O2 FUC F . -23.06 3.63 35.03
O3 FUC F . -24.92 2.58 37.05
O4 FUC F . -23.45 1.84 39.04
O5 FUC F . -20.84 1.83 37.49
#